data_1QMO
#
_entry.id   1QMO
#
_cell.length_a   151.360
_cell.length_b   151.360
_cell.length_c   309.880
_cell.angle_alpha   90.00
_cell.angle_beta   90.00
_cell.angle_gamma   120.00
#
_symmetry.space_group_name_H-M   'P 65 2 2'
#
loop_
_entity.id
_entity.type
_entity.pdbx_description
1 polymer 'MANNOSE BINDING LECTIN, FRIL'
2 polymer 'MANNOSE BINDING LECTIN, FRIL'
3 non-polymer 'CALCIUM ION'
4 non-polymer 'MANGANESE (II) ION'
5 non-polymer alpha-D-mannopyranose
#
loop_
_entity_poly.entity_id
_entity_poly.type
_entity_poly.pdbx_seq_one_letter_code
_entity_poly.pdbx_strand_id
1 'polypeptide(L)'
;AQSLSFSFTKFDPNQEDLIFQGHATSTNNVLQVTKLDSAGNPVSSSAGRVLYSAPLRLWEDSAVLTSFDTIINFEISTPY
TSRIADGLAFFIAPPDSVISYHGGFLGLFPNAN
;
A,B,C,D
2 'polypeptide(L)'
;SNVVAVEFDTYLNPDYGDPNYIHIGIDVNSIRSKVTAKWDWQNGKIATAHISYNSVSKRLSVTSYYAGSKPATLSYDIEL
HTVLPEWVRVGLSASTGQDKERNTVHSWSFTSSLWTNVAKKENENKYITRGVL
;
E,F,G,H
#
loop_
_chem_comp.id
_chem_comp.type
_chem_comp.name
_chem_comp.formula
CA non-polymer 'CALCIUM ION' 'Ca 2'
MAN D-saccharide, alpha linking alpha-D-mannopyranose 'C6 H12 O6'
MN non-polymer 'MANGANESE (II) ION' 'Mn 2'
#
# COMPACT_ATOMS: atom_id res chain seq x y z
N ALA A 1 -13.82 2.89 5.82
CA ALA A 1 -14.56 1.81 6.55
C ALA A 1 -13.89 0.44 6.39
N GLN A 2 -13.50 0.11 5.16
CA GLN A 2 -12.86 -1.16 4.87
C GLN A 2 -11.93 -1.10 3.69
N SER A 3 -10.89 -1.91 3.75
CA SER A 3 -9.91 -2.01 2.68
C SER A 3 -9.36 -3.43 2.62
N LEU A 4 -9.20 -3.98 1.43
CA LEU A 4 -8.64 -5.33 1.30
C LEU A 4 -7.67 -5.36 0.14
N SER A 5 -6.49 -5.90 0.37
CA SER A 5 -5.52 -5.99 -0.70
C SER A 5 -4.70 -7.26 -0.57
N PHE A 6 -4.60 -8.02 -1.65
CA PHE A 6 -3.83 -9.25 -1.64
C PHE A 6 -3.04 -9.49 -2.91
N SER A 7 -1.90 -10.15 -2.78
CA SER A 7 -1.09 -10.41 -3.92
C SER A 7 -0.55 -11.84 -3.97
N PHE A 8 -0.54 -12.43 -5.16
CA PHE A 8 -0.04 -13.79 -5.39
C PHE A 8 1.03 -13.68 -6.49
N THR A 9 2.17 -14.36 -6.34
CA THR A 9 3.20 -14.30 -7.39
C THR A 9 3.65 -15.70 -7.74
N LYS A 10 3.17 -16.65 -6.97
CA LYS A 10 3.47 -18.06 -7.17
C LYS A 10 2.24 -18.72 -6.58
N PHE A 11 1.95 -19.94 -6.98
CA PHE A 11 0.80 -20.58 -6.41
C PHE A 11 1.22 -21.87 -5.74
N ASP A 12 1.23 -21.83 -4.41
CA ASP A 12 1.62 -22.97 -3.62
C ASP A 12 0.60 -24.08 -3.83
N PRO A 13 1.04 -25.34 -3.73
CA PRO A 13 0.19 -26.52 -3.91
C PRO A 13 -0.99 -26.55 -2.93
N ASN A 14 -0.69 -26.20 -1.69
CA ASN A 14 -1.72 -26.15 -0.66
C ASN A 14 -2.02 -24.68 -0.40
N GLN A 15 -2.88 -24.09 -1.24
CA GLN A 15 -3.23 -22.69 -1.11
C GLN A 15 -4.43 -22.51 -0.22
N GLU A 16 -4.22 -22.66 1.08
CA GLU A 16 -5.26 -22.53 2.10
C GLU A 16 -6.11 -21.28 1.96
N ASP A 17 -5.59 -20.26 1.30
CA ASP A 17 -6.31 -18.99 1.17
C ASP A 17 -7.00 -18.76 -0.16
N LEU A 18 -7.39 -19.86 -0.81
CA LEU A 18 -8.10 -19.83 -2.08
C LEU A 18 -9.15 -20.90 -2.00
N ILE A 19 -10.21 -20.76 -2.76
CA ILE A 19 -11.24 -21.78 -2.74
C ILE A 19 -11.16 -22.38 -4.13
N PHE A 20 -11.29 -23.70 -4.17
CA PHE A 20 -11.14 -24.41 -5.43
C PHE A 20 -12.44 -25.08 -5.82
N GLN A 21 -12.79 -24.90 -7.09
CA GLN A 21 -14.00 -25.46 -7.65
C GLN A 21 -13.67 -26.04 -9.02
N GLY A 22 -14.15 -27.25 -9.27
CA GLY A 22 -13.88 -27.88 -10.55
C GLY A 22 -12.52 -28.50 -10.66
N HIS A 23 -12.01 -28.57 -11.88
CA HIS A 23 -10.72 -29.18 -12.16
C HIS A 23 -9.57 -28.22 -11.89
N ALA A 24 -9.88 -27.08 -11.31
CA ALA A 24 -8.87 -26.09 -11.01
C ALA A 24 -7.91 -26.67 -9.98
N THR A 25 -6.62 -26.45 -10.18
CA THR A 25 -5.60 -26.94 -9.27
C THR A 25 -4.37 -26.06 -9.41
N SER A 26 -3.25 -26.51 -8.84
CA SER A 26 -2.01 -25.76 -8.94
C SER A 26 -0.80 -26.67 -8.82
N THR A 27 0.18 -26.46 -9.69
CA THR A 27 1.41 -27.23 -9.70
C THR A 27 2.47 -26.39 -10.37
N ASN A 28 3.73 -26.68 -10.08
CA ASN A 28 4.83 -25.94 -10.66
C ASN A 28 4.66 -24.44 -10.48
N ASN A 29 4.01 -24.08 -9.37
CA ASN A 29 3.79 -22.69 -9.00
C ASN A 29 2.80 -21.88 -9.84
N VAL A 30 2.01 -22.55 -10.67
CA VAL A 30 1.01 -21.83 -11.46
C VAL A 30 -0.37 -22.39 -11.20
N LEU A 31 -1.38 -21.65 -11.64
CA LEU A 31 -2.75 -22.03 -11.44
C LEU A 31 -3.32 -22.71 -12.69
N GLN A 32 -3.69 -23.98 -12.56
CA GLN A 32 -4.26 -24.71 -13.69
C GLN A 32 -5.77 -24.81 -13.49
N VAL A 33 -6.46 -23.76 -13.92
CA VAL A 33 -7.90 -23.68 -13.77
C VAL A 33 -8.64 -24.70 -14.63
N THR A 34 -7.92 -25.39 -15.52
CA THR A 34 -8.51 -26.39 -16.39
C THR A 34 -7.78 -27.73 -16.30
N LYS A 35 -8.53 -28.84 -16.22
CA LYS A 35 -7.94 -30.17 -16.10
C LYS A 35 -6.80 -30.41 -17.07
N LEU A 36 -5.93 -31.35 -16.73
CA LEU A 36 -4.79 -31.65 -17.58
C LEU A 36 -4.43 -33.11 -17.77
N ASP A 37 -3.98 -33.39 -19.00
CA ASP A 37 -3.56 -34.72 -19.41
C ASP A 37 -2.32 -35.03 -18.61
N SER A 38 -2.24 -36.25 -18.08
CA SER A 38 -1.09 -36.67 -17.28
C SER A 38 0.23 -36.46 -18.02
N ALA A 39 0.16 -35.93 -19.23
CA ALA A 39 1.34 -35.67 -20.03
C ALA A 39 1.53 -34.16 -20.12
N GLY A 40 0.51 -33.44 -19.64
CA GLY A 40 0.57 -31.99 -19.65
C GLY A 40 -0.17 -31.35 -20.81
N ASN A 41 -1.17 -32.06 -21.32
CA ASN A 41 -1.95 -31.57 -22.44
C ASN A 41 -3.38 -31.26 -22.00
N PRO A 42 -3.99 -30.22 -22.57
CA PRO A 42 -5.35 -29.83 -22.20
C PRO A 42 -6.39 -30.87 -22.55
N VAL A 43 -7.42 -30.97 -21.70
CA VAL A 43 -8.48 -31.93 -21.90
C VAL A 43 -9.77 -31.21 -22.28
N SER A 44 -10.79 -31.97 -22.62
CA SER A 44 -12.08 -31.43 -23.04
C SER A 44 -13.12 -31.46 -21.94
N SER A 45 -14.10 -30.58 -22.05
CA SER A 45 -15.19 -30.50 -21.09
C SER A 45 -14.75 -30.25 -19.65
N SER A 46 -13.85 -29.28 -19.46
CA SER A 46 -13.34 -28.95 -18.13
C SER A 46 -13.73 -27.54 -17.66
N ALA A 47 -13.96 -27.43 -16.36
CA ALA A 47 -14.35 -26.18 -15.74
C ALA A 47 -13.62 -26.03 -14.41
N GLY A 48 -12.93 -24.91 -14.24
CA GLY A 48 -12.19 -24.64 -13.02
C GLY A 48 -12.34 -23.21 -12.54
N ARG A 49 -12.50 -23.05 -11.24
CA ARG A 49 -12.65 -21.73 -10.67
C ARG A 49 -11.88 -21.59 -9.36
N VAL A 50 -11.41 -20.38 -9.12
CA VAL A 50 -10.66 -20.08 -7.90
C VAL A 50 -11.27 -18.80 -7.33
N LEU A 51 -11.46 -18.80 -6.01
CA LEU A 51 -12.04 -17.66 -5.31
C LEU A 51 -11.18 -17.26 -4.12
N TYR A 52 -10.98 -15.96 -3.91
CA TYR A 52 -10.18 -15.54 -2.76
C TYR A 52 -10.98 -15.82 -1.52
N SER A 53 -10.35 -16.49 -0.57
CA SER A 53 -11.00 -16.88 0.67
C SER A 53 -11.93 -15.86 1.27
N ALA A 54 -11.39 -14.70 1.57
CA ALA A 54 -12.16 -13.66 2.22
C ALA A 54 -13.23 -12.99 1.39
N PRO A 55 -14.35 -12.66 2.04
CA PRO A 55 -15.46 -11.98 1.38
C PRO A 55 -14.99 -10.54 1.21
N LEU A 56 -15.67 -9.81 0.36
CA LEU A 56 -15.30 -8.45 0.09
C LEU A 56 -16.52 -7.54 0.08
N ARG A 57 -16.45 -6.44 0.80
CA ARG A 57 -17.56 -5.49 0.85
C ARG A 57 -17.54 -4.62 -0.42
N LEU A 58 -18.63 -4.64 -1.17
CA LEU A 58 -18.69 -3.88 -2.41
C LEU A 58 -19.46 -2.59 -2.20
N TRP A 59 -20.40 -2.63 -1.28
CA TRP A 59 -21.22 -1.45 -1.04
C TRP A 59 -21.87 -1.45 0.34
N GLU A 60 -22.36 -0.29 0.74
CA GLU A 60 -23.00 -0.12 2.03
C GLU A 60 -23.87 1.14 2.03
N ASP A 61 -25.02 1.05 2.69
CA ASP A 61 -25.97 2.15 2.76
C ASP A 61 -25.33 3.52 2.79
N SER A 62 -24.69 3.87 3.90
CA SER A 62 -24.08 5.18 3.98
C SER A 62 -22.63 5.12 3.49
N ALA A 63 -22.44 4.82 2.21
CA ALA A 63 -21.08 4.73 1.70
C ALA A 63 -20.98 5.34 0.33
N VAL A 64 -19.95 6.13 0.07
CA VAL A 64 -19.90 6.70 -1.26
C VAL A 64 -18.58 6.79 -1.99
N LEU A 65 -18.06 5.64 -2.39
CA LEU A 65 -16.89 5.43 -3.24
C LEU A 65 -16.52 3.98 -2.98
N THR A 66 -16.33 3.22 -4.03
CA THR A 66 -15.91 1.87 -3.83
C THR A 66 -15.05 1.72 -5.05
N SER A 67 -13.88 1.13 -4.88
CA SER A 67 -12.99 0.96 -6.01
C SER A 67 -12.13 -0.29 -5.90
N PHE A 68 -11.87 -0.91 -7.03
CA PHE A 68 -11.01 -2.07 -7.00
C PHE A 68 -10.14 -2.11 -8.23
N ASP A 69 -8.90 -2.59 -8.06
CA ASP A 69 -7.95 -2.72 -9.15
C ASP A 69 -7.31 -4.08 -8.98
N THR A 70 -7.20 -4.81 -10.08
CA THR A 70 -6.60 -6.12 -10.04
C THR A 70 -5.83 -6.30 -11.32
N ILE A 71 -4.68 -6.96 -11.25
CA ILE A 71 -3.86 -7.20 -12.44
C ILE A 71 -3.73 -8.71 -12.45
N ILE A 72 -3.77 -9.27 -13.66
CA ILE A 72 -3.72 -10.70 -13.83
C ILE A 72 -2.75 -11.08 -14.91
N ASN A 73 -2.01 -12.14 -14.67
CA ASN A 73 -1.08 -12.61 -15.66
C ASN A 73 -1.56 -14.02 -15.86
N PHE A 74 -1.93 -14.32 -17.11
CA PHE A 74 -2.44 -15.62 -17.46
C PHE A 74 -1.86 -15.97 -18.81
N GLU A 75 -1.89 -17.26 -19.11
CA GLU A 75 -1.35 -17.78 -20.33
C GLU A 75 -2.34 -18.76 -20.93
N ILE A 76 -2.75 -18.51 -22.18
CA ILE A 76 -3.62 -19.44 -22.85
C ILE A 76 -2.77 -20.00 -23.96
N SER A 77 -2.53 -21.31 -23.86
CA SER A 77 -1.70 -22.01 -24.82
C SER A 77 -2.31 -23.36 -25.15
N THR A 78 -1.86 -23.93 -26.27
CA THR A 78 -2.31 -25.23 -26.73
C THR A 78 -1.19 -25.83 -27.54
N PRO A 79 -0.86 -27.10 -27.29
CA PRO A 79 0.21 -27.78 -28.01
C PRO A 79 -0.32 -28.24 -29.37
N TYR A 80 -1.61 -28.56 -29.38
CA TYR A 80 -2.29 -29.02 -30.57
C TYR A 80 -2.38 -27.94 -31.65
N THR A 81 -2.99 -28.30 -32.78
CA THR A 81 -3.15 -27.40 -33.92
C THR A 81 -4.62 -27.11 -34.23
N SER A 82 -5.52 -27.71 -33.44
CA SER A 82 -6.95 -27.52 -33.61
C SER A 82 -7.32 -26.14 -33.08
N ARG A 83 -8.60 -25.80 -33.10
CA ARG A 83 -9.05 -24.52 -32.59
C ARG A 83 -8.96 -24.58 -31.06
N ILE A 84 -8.74 -23.44 -30.42
CA ILE A 84 -8.62 -23.41 -28.98
C ILE A 84 -9.92 -22.92 -28.34
N ALA A 85 -10.27 -23.55 -27.22
CA ALA A 85 -11.46 -23.21 -26.46
C ALA A 85 -11.11 -23.44 -25.00
N ASP A 86 -11.78 -22.76 -24.08
CA ASP A 86 -12.85 -21.84 -24.43
C ASP A 86 -12.63 -20.40 -24.01
N GLY A 87 -12.51 -20.20 -22.70
CA GLY A 87 -12.35 -18.87 -22.15
C GLY A 87 -11.67 -18.76 -20.80
N LEU A 88 -11.20 -17.55 -20.49
CA LEU A 88 -10.61 -17.26 -19.19
C LEU A 88 -11.36 -16.03 -18.72
N ALA A 89 -11.74 -16.04 -17.45
CA ALA A 89 -12.53 -14.94 -16.92
C ALA A 89 -12.18 -14.51 -15.50
N PHE A 90 -12.42 -13.23 -15.23
CA PHE A 90 -12.19 -12.68 -13.91
C PHE A 90 -13.64 -12.30 -13.58
N PHE A 91 -14.11 -12.76 -12.43
CA PHE A 91 -15.49 -12.54 -12.05
C PHE A 91 -15.69 -12.18 -10.60
N ILE A 92 -16.79 -11.49 -10.34
CA ILE A 92 -17.13 -11.13 -8.99
C ILE A 92 -18.57 -11.61 -8.87
N ALA A 93 -18.81 -12.45 -7.88
CA ALA A 93 -20.10 -13.10 -7.64
C ALA A 93 -20.39 -13.27 -6.15
N PRO A 94 -21.66 -13.40 -5.77
CA PRO A 94 -22.00 -13.59 -4.36
C PRO A 94 -21.12 -14.69 -3.78
N PRO A 95 -20.63 -14.52 -2.53
CA PRO A 95 -19.76 -15.47 -1.81
C PRO A 95 -20.02 -16.98 -1.95
N ASP A 96 -21.28 -17.38 -1.96
CA ASP A 96 -21.61 -18.81 -2.06
C ASP A 96 -21.70 -19.32 -3.50
N SER A 97 -21.31 -18.49 -4.46
CA SER A 97 -21.36 -18.86 -5.86
C SER A 97 -20.64 -20.17 -6.12
N VAL A 98 -21.23 -20.98 -6.99
CA VAL A 98 -20.66 -22.27 -7.36
C VAL A 98 -20.49 -22.39 -8.87
N ILE A 99 -19.49 -23.17 -9.27
CA ILE A 99 -19.17 -23.36 -10.68
C ILE A 99 -20.36 -23.81 -11.52
N SER A 100 -20.45 -23.29 -12.74
CA SER A 100 -21.55 -23.62 -13.63
C SER A 100 -21.05 -24.43 -14.83
N TYR A 101 -21.87 -24.53 -15.87
CA TYR A 101 -21.51 -25.30 -17.07
C TYR A 101 -20.24 -24.81 -17.75
N HIS A 102 -19.57 -25.71 -18.44
CA HIS A 102 -18.33 -25.38 -19.13
C HIS A 102 -18.60 -24.87 -20.53
N GLY A 103 -17.68 -25.17 -21.44
CA GLY A 103 -17.83 -24.72 -22.81
C GLY A 103 -17.70 -23.22 -22.91
N GLY A 104 -18.46 -22.62 -23.82
CA GLY A 104 -18.40 -21.17 -23.99
C GLY A 104 -19.12 -20.48 -22.86
N PHE A 105 -19.37 -21.23 -21.80
CA PHE A 105 -20.04 -20.68 -20.63
C PHE A 105 -19.05 -20.21 -19.56
N LEU A 106 -17.81 -20.71 -19.64
CA LEU A 106 -16.78 -20.30 -18.71
C LEU A 106 -17.12 -20.59 -17.26
N GLY A 107 -17.80 -21.70 -17.03
CA GLY A 107 -18.19 -22.07 -15.68
C GLY A 107 -18.82 -20.92 -14.93
N LEU A 108 -19.39 -19.97 -15.67
CA LEU A 108 -20.01 -18.80 -15.06
C LEU A 108 -21.53 -18.80 -15.12
N PHE A 109 -22.10 -19.24 -16.25
CA PHE A 109 -23.54 -19.28 -16.38
C PHE A 109 -24.03 -20.64 -16.83
N PRO A 110 -25.27 -20.98 -16.47
CA PRO A 110 -25.94 -22.25 -16.79
C PRO A 110 -26.58 -22.30 -18.18
N ASN A 111 -27.24 -21.22 -18.58
CA ASN A 111 -27.89 -21.15 -19.87
C ASN A 111 -27.28 -20.08 -20.76
N ALA A 112 -28.10 -19.39 -21.54
CA ALA A 112 -27.61 -18.34 -22.43
C ALA A 112 -28.56 -17.16 -22.50
N ASN A 113 -29.26 -16.88 -21.41
CA ASN A 113 -30.19 -15.76 -21.37
C ASN A 113 -29.47 -14.42 -21.28
N ALA B 1 6.11 -13.73 -3.04
CA ALA B 1 5.21 -14.93 -3.17
C ALA B 1 3.77 -14.64 -2.75
N GLN B 2 3.62 -13.98 -1.60
CA GLN B 2 2.31 -13.63 -1.08
C GLN B 2 2.31 -12.38 -0.23
N SER B 3 1.19 -11.68 -0.27
CA SER B 3 1.01 -10.47 0.51
C SER B 3 -0.46 -10.33 0.90
N LEU B 4 -0.75 -9.95 2.13
CA LEU B 4 -2.13 -9.75 2.56
C LEU B 4 -2.23 -8.50 3.40
N SER B 5 -3.19 -7.66 3.09
CA SER B 5 -3.37 -6.45 3.87
C SER B 5 -4.84 -6.09 3.97
N PHE B 6 -5.31 -5.84 5.17
CA PHE B 6 -6.70 -5.48 5.38
C PHE B 6 -6.90 -4.41 6.44
N SER B 7 -7.93 -3.61 6.27
CA SER B 7 -8.18 -2.54 7.21
C SER B 7 -9.67 -2.44 7.58
N PHE B 8 -9.92 -2.20 8.87
CA PHE B 8 -11.28 -2.02 9.40
C PHE B 8 -11.30 -0.66 10.11
N THR B 9 -12.35 0.14 9.92
CA THR B 9 -12.41 1.43 10.62
C THR B 9 -13.76 1.59 11.30
N LYS B 10 -14.63 0.63 11.02
CA LYS B 10 -15.97 0.60 11.59
C LYS B 10 -16.27 -0.88 11.55
N PHE B 11 -17.19 -1.34 12.38
CA PHE B 11 -17.51 -2.75 12.34
C PHE B 11 -18.97 -2.92 12.04
N ASP B 12 -19.24 -3.33 10.82
CA ASP B 12 -20.61 -3.54 10.36
C ASP B 12 -21.20 -4.70 11.15
N PRO B 13 -22.53 -4.68 11.37
CA PRO B 13 -23.26 -5.70 12.11
C PRO B 13 -23.09 -7.08 11.50
N ASN B 14 -23.17 -7.14 10.18
CA ASN B 14 -23.00 -8.40 9.46
C ASN B 14 -21.62 -8.36 8.82
N GLN B 15 -20.60 -8.70 9.61
CA GLN B 15 -19.23 -8.68 9.12
C GLN B 15 -18.84 -10.03 8.52
N GLU B 16 -19.36 -10.29 7.33
CA GLU B 16 -19.12 -11.54 6.61
C GLU B 16 -17.65 -11.93 6.51
N ASP B 17 -16.75 -10.96 6.67
CA ASP B 17 -15.32 -11.25 6.55
C ASP B 17 -14.56 -11.37 7.86
N LEU B 18 -15.27 -11.81 8.89
CA LEU B 18 -14.70 -12.02 10.22
C LEU B 18 -15.33 -13.29 10.74
N ILE B 19 -14.65 -13.96 11.65
CA ILE B 19 -15.22 -15.17 12.21
C ILE B 19 -15.47 -14.81 13.64
N PHE B 20 -16.62 -15.26 14.15
CA PHE B 20 -17.02 -14.91 15.49
C PHE B 20 -17.09 -16.14 16.37
N GLN B 21 -16.50 -15.99 17.56
CA GLN B 21 -16.45 -17.06 18.54
C GLN B 21 -16.78 -16.47 19.90
N GLY B 22 -17.66 -17.14 20.64
CA GLY B 22 -18.02 -16.65 21.95
C GLY B 22 -19.05 -15.54 21.93
N HIS B 23 -19.00 -14.69 22.95
CA HIS B 23 -19.94 -13.59 23.11
C HIS B 23 -19.55 -12.38 22.28
N ALA B 24 -18.52 -12.56 21.45
CA ALA B 24 -18.05 -11.47 20.61
C ALA B 24 -19.15 -11.09 19.63
N THR B 25 -19.35 -9.79 19.44
CA THR B 25 -20.37 -9.31 18.52
C THR B 25 -19.97 -7.90 18.08
N SER B 26 -20.91 -7.20 17.44
CA SER B 26 -20.64 -5.84 16.99
C SER B 26 -21.92 -5.03 16.89
N THR B 27 -21.87 -3.81 17.39
CA THR B 27 -23.01 -2.89 17.36
C THR B 27 -22.45 -1.48 17.45
N ASN B 28 -23.22 -0.51 16.99
CA ASN B 28 -22.79 0.87 17.02
C ASN B 28 -21.42 1.05 16.41
N ASN B 29 -21.12 0.20 15.43
CA ASN B 29 -19.86 0.26 14.69
C ASN B 29 -18.60 -0.16 15.43
N VAL B 30 -18.73 -0.78 16.59
CA VAL B 30 -17.56 -1.23 17.32
C VAL B 30 -17.64 -2.72 17.58
N LEU B 31 -16.50 -3.29 17.99
CA LEU B 31 -16.41 -4.70 18.24
C LEU B 31 -16.55 -4.98 19.75
N GLN B 32 -17.59 -5.71 20.13
CA GLN B 32 -17.79 -6.05 21.53
C GLN B 32 -17.40 -7.51 21.74
N VAL B 33 -16.11 -7.72 21.95
CA VAL B 33 -15.56 -9.05 22.13
C VAL B 33 -16.03 -9.71 23.44
N THR B 34 -16.70 -8.95 24.29
CA THR B 34 -17.21 -9.47 25.56
C THR B 34 -18.71 -9.19 25.73
N LYS B 35 -19.46 -10.19 26.20
CA LYS B 35 -20.91 -10.05 26.38
C LYS B 35 -21.30 -8.76 27.07
N LEU B 36 -22.54 -8.34 26.87
CA LEU B 36 -23.00 -7.11 27.48
C LEU B 36 -24.42 -7.11 28.05
N ASP B 37 -24.55 -6.38 29.14
CA ASP B 37 -25.80 -6.21 29.86
C ASP B 37 -26.71 -5.43 28.94
N SER B 38 -27.96 -5.86 28.82
CA SER B 38 -28.93 -5.19 27.95
C SER B 38 -29.04 -3.70 28.25
N ALA B 39 -28.25 -3.22 29.21
CA ALA B 39 -28.25 -1.82 29.57
C ALA B 39 -26.92 -1.22 29.12
N GLY B 40 -26.02 -2.10 28.68
CA GLY B 40 -24.71 -1.66 28.22
C GLY B 40 -23.62 -1.78 29.26
N ASN B 41 -23.79 -2.72 30.18
CA ASN B 41 -22.81 -2.92 31.24
C ASN B 41 -22.14 -4.28 31.07
N PRO B 42 -20.84 -4.36 31.39
CA PRO B 42 -20.09 -5.61 31.26
C PRO B 42 -20.60 -6.73 32.16
N VAL B 43 -20.52 -7.95 31.65
CA VAL B 43 -20.98 -9.12 32.39
C VAL B 43 -19.77 -9.96 32.81
N SER B 44 -20.04 -10.98 33.61
CA SER B 44 -19.00 -11.86 34.12
C SER B 44 -18.91 -13.18 33.37
N SER B 45 -17.74 -13.80 33.41
CA SER B 45 -17.52 -15.08 32.76
C SER B 45 -17.77 -15.08 31.26
N SER B 46 -17.24 -14.06 30.57
CA SER B 46 -17.43 -13.95 29.12
C SER B 46 -16.14 -14.09 28.32
N ALA B 47 -16.26 -14.70 27.15
CA ALA B 47 -15.12 -14.91 26.26
C ALA B 47 -15.55 -14.64 24.82
N GLY B 48 -14.80 -13.78 24.15
CA GLY B 48 -15.11 -13.44 22.77
C GLY B 48 -13.87 -13.34 21.90
N ARG B 49 -13.97 -13.87 20.70
CA ARG B 49 -12.86 -13.85 19.78
C ARG B 49 -13.30 -13.54 18.36
N VAL B 50 -12.41 -12.87 17.62
CA VAL B 50 -12.69 -12.51 16.25
C VAL B 50 -11.45 -12.90 15.44
N LEU B 51 -11.68 -13.51 14.28
CA LEU B 51 -10.60 -13.96 13.40
C LEU B 51 -10.82 -13.48 11.98
N TYR B 52 -9.76 -13.00 11.33
CA TYR B 52 -9.92 -12.55 9.95
C TYR B 52 -10.18 -13.76 9.09
N SER B 53 -11.23 -13.67 8.29
CA SER B 53 -11.63 -14.77 7.43
C SER B 53 -10.52 -15.54 6.77
N ALA B 54 -9.74 -14.84 5.98
CA ALA B 54 -8.67 -15.47 5.24
C ALA B 54 -7.49 -15.98 6.04
N PRO B 55 -6.95 -17.12 5.60
CA PRO B 55 -5.79 -17.74 6.25
C PRO B 55 -4.63 -16.86 5.83
N LEU B 56 -3.51 -17.02 6.53
CA LEU B 56 -2.34 -16.22 6.24
C LEU B 56 -1.09 -17.09 6.24
N ARG B 57 -0.29 -16.96 5.21
CA ARG B 57 0.95 -17.74 5.12
C ARG B 57 2.02 -17.06 6.00
N LEU B 58 2.56 -17.81 6.95
CA LEU B 58 3.56 -17.25 7.85
C LEU B 58 4.95 -17.68 7.42
N TRP B 59 5.04 -18.85 6.82
CA TRP B 59 6.34 -19.36 6.40
C TRP B 59 6.25 -20.40 5.30
N GLU B 60 7.39 -20.67 4.67
CA GLU B 60 7.46 -21.62 3.57
C GLU B 60 8.91 -22.08 3.38
N ASP B 61 9.08 -23.35 3.07
CA ASP B 61 10.39 -23.94 2.88
C ASP B 61 11.40 -23.00 2.25
N SER B 62 11.25 -22.70 0.97
CA SER B 62 12.20 -21.82 0.33
C SER B 62 11.76 -20.36 0.45
N ALA B 63 11.70 -19.85 1.67
CA ALA B 63 11.27 -18.48 1.85
C ALA B 63 12.10 -17.77 2.88
N VAL B 64 12.53 -16.54 2.62
CA VAL B 64 13.32 -15.90 3.65
C VAL B 64 13.11 -14.44 3.99
N LEU B 65 11.98 -14.15 4.60
CA LEU B 65 11.56 -12.88 5.17
C LEU B 65 10.07 -13.00 5.33
N THR B 66 9.56 -12.71 6.49
CA THR B 66 8.13 -12.74 6.63
C THR B 66 7.97 -11.60 7.60
N SER B 67 6.99 -10.74 7.36
CA SER B 67 6.79 -9.62 8.25
C SER B 67 5.33 -9.22 8.33
N PHE B 68 4.93 -8.77 9.51
CA PHE B 68 3.57 -8.31 9.66
C PHE B 68 3.51 -7.13 10.60
N ASP B 69 2.61 -6.20 10.31
CA ASP B 69 2.40 -5.01 11.12
C ASP B 69 0.91 -4.84 11.25
N THR B 70 0.46 -4.58 12.47
CA THR B 70 -0.95 -4.40 12.72
C THR B 70 -1.08 -3.33 13.78
N ILE B 71 -2.10 -2.49 13.64
CA ILE B 71 -2.33 -1.43 14.62
C ILE B 71 -3.74 -1.70 15.10
N ILE B 72 -3.96 -1.49 16.39
CA ILE B 72 -5.24 -1.77 17.00
C ILE B 72 -5.67 -0.64 17.88
N ASN B 73 -6.95 -0.34 17.83
CA ASN B 73 -7.47 0.71 18.67
C ASN B 73 -8.54 -0.05 19.43
N PHE B 74 -8.40 -0.04 20.75
CA PHE B 74 -9.31 -0.73 21.62
C PHE B 74 -9.52 0.13 22.83
N GLU B 75 -10.61 -0.14 23.52
CA GLU B 75 -10.99 0.62 24.70
C GLU B 75 -11.40 -0.34 25.80
N ILE B 76 -10.74 -0.24 26.95
CA ILE B 76 -11.12 -1.06 28.08
C ILE B 76 -11.68 -0.08 29.08
N SER B 77 -12.96 -0.24 29.35
CA SER B 77 -13.67 0.64 30.26
C SER B 77 -14.60 -0.17 31.14
N THR B 78 -15.02 0.46 32.24
CA THR B 78 -15.94 -0.15 33.20
C THR B 78 -16.69 0.98 33.87
N PRO B 79 -18.02 0.85 33.98
CA PRO B 79 -18.86 1.87 34.61
C PRO B 79 -18.76 1.72 36.12
N TYR B 80 -18.60 0.46 36.53
CA TYR B 80 -18.51 0.11 37.94
C TYR B 80 -17.24 0.68 38.59
N THR B 81 -17.09 0.39 39.89
CA THR B 81 -15.95 0.86 40.68
C THR B 81 -15.11 -0.30 41.21
N SER B 82 -15.52 -1.53 40.90
CA SER B 82 -14.80 -2.71 41.34
C SER B 82 -13.55 -2.85 40.48
N ARG B 83 -12.79 -3.92 40.71
CA ARG B 83 -11.58 -4.15 39.92
C ARG B 83 -12.02 -4.59 38.52
N ILE B 84 -11.21 -4.28 37.52
CA ILE B 84 -11.56 -4.65 36.15
C ILE B 84 -10.81 -5.90 35.71
N ALA B 85 -11.52 -6.76 34.97
CA ALA B 85 -10.96 -8.00 34.44
C ALA B 85 -11.63 -8.21 33.09
N ASP B 86 -10.98 -8.95 32.20
CA ASP B 86 -9.70 -9.55 32.48
C ASP B 86 -8.56 -9.10 31.57
N GLY B 87 -8.73 -9.38 30.28
CA GLY B 87 -7.71 -9.04 29.31
C GLY B 87 -8.16 -8.84 27.87
N LEU B 88 -7.30 -8.20 27.08
CA LEU B 88 -7.54 -8.01 25.67
C LEU B 88 -6.26 -8.51 25.00
N ALA B 89 -6.43 -9.29 23.93
CA ALA B 89 -5.29 -9.88 23.28
C ALA B 89 -5.34 -9.91 21.76
N PHE B 90 -4.16 -9.87 21.15
CA PHE B 90 -4.05 -9.96 19.71
C PHE B 90 -3.27 -11.27 19.63
N PHE B 91 -3.80 -12.20 18.84
CA PHE B 91 -3.19 -13.51 18.73
C PHE B 91 -3.13 -14.08 17.33
N ILE B 92 -2.19 -14.98 17.13
CA ILE B 92 -2.04 -15.63 15.85
C ILE B 92 -2.00 -17.10 16.25
N ALA B 93 -2.92 -17.86 15.67
CA ALA B 93 -3.11 -19.28 15.95
C ALA B 93 -3.50 -20.08 14.72
N PRO B 94 -3.26 -21.39 14.72
CA PRO B 94 -3.64 -22.21 13.56
C PRO B 94 -5.08 -21.89 13.18
N PRO B 95 -5.39 -21.82 11.87
CA PRO B 95 -6.71 -21.52 11.32
C PRO B 95 -7.96 -22.10 11.98
N ASP B 96 -7.89 -23.36 12.42
CA ASP B 96 -9.04 -24.00 13.06
C ASP B 96 -9.14 -23.75 14.56
N SER B 97 -8.30 -22.86 15.07
CA SER B 97 -8.29 -22.54 16.50
C SER B 97 -9.68 -22.16 16.99
N VAL B 98 -10.01 -22.62 18.18
CA VAL B 98 -11.30 -22.33 18.80
C VAL B 98 -11.12 -21.71 20.18
N ILE B 99 -12.08 -20.88 20.58
CA ILE B 99 -12.04 -20.18 21.85
C ILE B 99 -11.83 -21.11 23.04
N SER B 100 -11.05 -20.65 24.01
CA SER B 100 -10.76 -21.44 25.20
C SER B 100 -11.40 -20.82 26.44
N TYR B 101 -10.96 -21.25 27.63
CA TYR B 101 -11.51 -20.73 28.89
C TYR B 101 -11.35 -19.23 29.06
N HIS B 102 -12.25 -18.62 29.82
CA HIS B 102 -12.22 -17.20 30.05
C HIS B 102 -11.34 -16.84 31.23
N GLY B 103 -11.72 -15.80 31.95
CA GLY B 103 -10.95 -15.36 33.09
C GLY B 103 -9.60 -14.81 32.67
N GLY B 104 -8.58 -15.04 33.48
CA GLY B 104 -7.25 -14.55 33.17
C GLY B 104 -6.63 -15.38 32.07
N PHE B 105 -7.47 -16.17 31.40
CA PHE B 105 -7.02 -17.00 30.31
C PHE B 105 -7.17 -16.33 28.94
N LEU B 106 -8.03 -15.32 28.89
CA LEU B 106 -8.24 -14.56 27.66
C LEU B 106 -8.72 -15.44 26.51
N GLY B 107 -9.54 -16.43 26.82
CA GLY B 107 -10.06 -17.32 25.79
C GLY B 107 -8.96 -17.82 24.88
N LEU B 108 -7.73 -17.85 25.37
CA LEU B 108 -6.59 -18.30 24.58
C LEU B 108 -6.04 -19.66 25.00
N PHE B 109 -5.99 -19.92 26.31
CA PHE B 109 -5.49 -21.20 26.79
C PHE B 109 -6.45 -21.86 27.75
N PRO B 110 -6.40 -23.19 27.82
CA PRO B 110 -7.24 -24.03 28.69
C PRO B 110 -6.74 -24.16 30.12
N ASN B 111 -5.44 -24.35 30.29
CA ASN B 111 -4.86 -24.49 31.62
C ASN B 111 -3.89 -23.35 31.92
N ALA B 112 -2.80 -23.66 32.62
CA ALA B 112 -1.82 -22.64 32.98
C ALA B 112 -0.39 -23.17 32.89
N ASN B 113 -0.14 -24.09 31.95
CA ASN B 113 1.18 -24.66 31.77
C ASN B 113 2.13 -23.67 31.09
N ALA C 1 6.59 0.27 -13.78
CA ALA C 1 7.78 1.16 -14.02
C ALA C 1 8.03 2.13 -12.86
N GLN C 2 6.96 2.77 -12.39
CA GLN C 2 7.04 3.72 -11.29
C GLN C 2 5.77 3.80 -10.47
N SER C 3 5.96 4.08 -9.19
CA SER C 3 4.85 4.22 -8.26
C SER C 3 5.24 5.25 -7.19
N LEU C 4 4.31 6.14 -6.84
CA LEU C 4 4.58 7.11 -5.78
C LEU C 4 3.36 7.24 -4.89
N SER C 5 3.58 7.19 -3.59
CA SER C 5 2.48 7.33 -2.67
C SER C 5 2.93 8.06 -1.41
N PHE C 6 2.19 9.08 -1.02
CA PHE C 6 2.52 9.84 0.18
C PHE C 6 1.31 10.26 0.99
N SER C 7 1.49 10.35 2.29
CA SER C 7 0.39 10.72 3.14
C SER C 7 0.79 11.76 4.20
N PHE C 8 -0.09 12.73 4.43
CA PHE C 8 0.10 13.77 5.44
C PHE C 8 -1.11 13.72 6.37
N THR C 9 -0.91 13.82 7.69
CA THR C 9 -2.07 13.82 8.60
C THR C 9 -1.96 14.97 9.58
N LYS C 10 -0.83 15.65 9.50
CA LYS C 10 -0.56 16.80 10.35
C LYS C 10 0.43 17.56 9.48
N PHE C 11 0.55 18.86 9.70
CA PHE C 11 1.50 19.60 8.91
C PHE C 11 2.51 20.26 9.82
N ASP C 12 3.71 19.70 9.81
CA ASP C 12 4.79 20.20 10.63
C ASP C 12 5.17 21.59 10.14
N PRO C 13 5.64 22.45 11.04
CA PRO C 13 6.05 23.83 10.74
C PRO C 13 7.14 23.89 9.67
N ASN C 14 8.11 22.99 9.81
CA ASN C 14 9.21 22.91 8.86
C ASN C 14 8.95 21.68 7.99
N GLN C 15 8.12 21.83 6.97
CA GLN C 15 7.78 20.72 6.09
C GLN C 15 8.74 20.67 4.91
N GLU C 16 9.95 20.19 5.19
CA GLU C 16 11.00 20.05 4.19
C GLU C 16 10.57 19.36 2.90
N ASP C 17 9.50 18.57 2.97
CA ASP C 17 9.04 17.82 1.80
C ASP C 17 7.85 18.41 1.06
N LEU C 18 7.72 19.73 1.14
CA LEU C 18 6.65 20.48 0.48
C LEU C 18 7.29 21.72 -0.06
N ILE C 19 6.71 22.30 -1.09
CA ILE C 19 7.27 23.52 -1.62
C ILE C 19 6.21 24.55 -1.32
N PHE C 20 6.66 25.73 -0.91
CA PHE C 20 5.76 26.77 -0.51
C PHE C 20 5.85 27.96 -1.43
N GLN C 21 4.68 28.45 -1.84
CA GLN C 21 4.56 29.58 -2.73
C GLN C 21 3.47 30.49 -2.21
N GLY C 22 3.75 31.79 -2.16
CA GLY C 22 2.76 32.72 -1.68
C GLY C 22 2.68 32.81 -0.17
N HIS C 23 1.48 33.17 0.31
CA HIS C 23 1.24 33.32 1.74
C HIS C 23 0.94 31.99 2.42
N ALA C 24 1.12 30.90 1.67
CA ALA C 24 0.87 29.58 2.21
C ALA C 24 1.87 29.32 3.33
N THR C 25 1.39 28.73 4.42
CA THR C 25 2.24 28.41 5.55
C THR C 25 1.59 27.28 6.34
N SER C 26 2.09 27.03 7.54
CA SER C 26 1.53 25.99 8.39
C SER C 26 1.77 26.27 9.86
N THR C 27 0.73 26.09 10.66
CA THR C 27 0.80 26.29 12.10
C THR C 27 -0.30 25.45 12.74
N ASN C 28 -0.13 25.13 14.01
CA ASN C 28 -1.13 24.34 14.71
C ASN C 28 -1.47 23.06 13.96
N ASN C 29 -0.48 22.55 13.23
CA ASN C 29 -0.61 21.31 12.48
C ASN C 29 -1.50 21.33 11.24
N VAL C 30 -1.89 22.51 10.78
CA VAL C 30 -2.71 22.59 9.57
C VAL C 30 -2.04 23.45 8.53
N LEU C 31 -2.55 23.36 7.31
CA LEU C 31 -2.00 24.11 6.19
C LEU C 31 -2.81 25.38 5.95
N GLN C 32 -2.17 26.54 6.10
CA GLN C 32 -2.85 27.81 5.86
C GLN C 32 -2.38 28.36 4.53
N VAL C 33 -3.04 27.90 3.46
CA VAL C 33 -2.70 28.31 2.12
C VAL C 33 -3.00 29.78 1.84
N THR C 34 -3.69 30.44 2.78
CA THR C 34 -4.02 31.86 2.62
C THR C 34 -3.56 32.68 3.83
N LYS C 35 -2.97 33.85 3.58
CA LYS C 35 -2.46 34.71 4.65
C LYS C 35 -3.46 34.88 5.80
N LEU C 36 -2.94 35.22 6.97
CA LEU C 36 -3.81 35.40 8.12
C LEU C 36 -3.52 36.58 9.03
N ASP C 37 -4.60 37.14 9.55
CA ASP C 37 -4.58 38.27 10.45
C ASP C 37 -3.93 37.76 11.74
N SER C 38 -3.02 38.55 12.29
CA SER C 38 -2.32 38.16 13.52
C SER C 38 -3.29 37.80 14.65
N ALA C 39 -4.59 37.87 14.36
CA ALA C 39 -5.60 37.53 15.33
C ALA C 39 -6.26 36.22 14.90
N GLY C 40 -5.92 35.79 13.69
CA GLY C 40 -6.47 34.56 13.16
C GLY C 40 -7.65 34.76 12.22
N ASN C 41 -7.68 35.92 11.58
CA ASN C 41 -8.77 36.24 10.66
C ASN C 41 -8.24 36.32 9.24
N PRO C 42 -9.04 35.89 8.26
CA PRO C 42 -8.62 35.91 6.86
C PRO C 42 -8.39 37.31 6.32
N VAL C 43 -7.41 37.42 5.42
CA VAL C 43 -7.06 38.70 4.83
C VAL C 43 -7.46 38.70 3.36
N SER C 44 -7.34 39.86 2.72
CA SER C 44 -7.70 40.03 1.32
C SER C 44 -6.51 40.00 0.39
N SER C 45 -6.77 39.66 -0.87
CA SER C 45 -5.73 39.61 -1.90
C SER C 45 -4.58 38.65 -1.57
N SER C 46 -4.91 37.44 -1.14
CA SER C 46 -3.89 36.45 -0.79
C SER C 46 -3.91 35.22 -1.71
N ALA C 47 -2.71 34.70 -1.96
CA ALA C 47 -2.54 33.53 -2.81
C ALA C 47 -1.49 32.61 -2.19
N GLY C 48 -1.86 31.34 -2.01
CA GLY C 48 -0.95 30.38 -1.42
C GLY C 48 -1.01 29.03 -2.13
N ARG C 49 0.15 28.44 -2.33
CA ARG C 49 0.22 27.15 -3.00
C ARG C 49 1.24 26.24 -2.33
N VAL C 50 0.95 24.94 -2.39
CA VAL C 50 1.83 23.95 -1.81
C VAL C 50 2.00 22.85 -2.87
N LEU C 51 3.23 22.39 -3.04
CA LEU C 51 3.56 21.36 -4.02
C LEU C 51 4.37 20.24 -3.39
N TYR C 52 4.05 18.99 -3.71
CA TYR C 52 4.81 17.89 -3.15
C TYR C 52 6.19 17.92 -3.76
N SER C 53 7.20 17.89 -2.91
CA SER C 53 8.58 17.94 -3.34
C SER C 53 8.91 17.19 -4.61
N ALA C 54 8.69 15.90 -4.57
CA ALA C 54 9.02 15.04 -5.68
C ALA C 54 8.20 15.19 -6.94
N PRO C 55 8.86 15.07 -8.10
CA PRO C 55 8.19 15.16 -9.39
C PRO C 55 7.43 13.85 -9.52
N LEU C 56 6.51 13.82 -10.45
CA LEU C 56 5.70 12.64 -10.65
C LEU C 56 5.57 12.33 -12.14
N ARG C 57 5.80 11.08 -12.51
CA ARG C 57 5.69 10.68 -13.90
C ARG C 57 4.21 10.44 -14.23
N LEU C 58 3.70 11.15 -15.23
CA LEU C 58 2.30 11.02 -15.59
C LEU C 58 2.16 10.13 -16.81
N TRP C 59 3.17 10.14 -17.66
CA TRP C 59 3.10 9.35 -18.88
C TRP C 59 4.46 9.04 -19.47
N GLU C 60 4.49 8.08 -20.38
CA GLU C 60 5.73 7.65 -21.03
C GLU C 60 5.41 6.92 -22.32
N ASP C 61 6.23 7.14 -23.34
CA ASP C 61 6.05 6.54 -24.65
C ASP C 61 5.48 5.13 -24.60
N SER C 62 6.26 4.17 -24.16
CA SER C 62 5.75 2.80 -24.11
C SER C 62 5.09 2.51 -22.77
N ALA C 63 4.00 3.20 -22.47
CA ALA C 63 3.34 3.00 -21.19
C ALA C 63 1.85 2.99 -21.36
N VAL C 64 1.15 2.05 -20.73
CA VAL C 64 -0.28 2.09 -20.91
C VAL C 64 -1.21 1.82 -19.74
N LEU C 65 -1.23 2.77 -18.81
CA LEU C 65 -2.13 2.87 -17.66
C LEU C 65 -1.44 3.84 -16.75
N THR C 66 -2.15 4.84 -16.29
CA THR C 66 -1.54 5.74 -15.35
C THR C 66 -2.75 6.04 -14.50
N SER C 67 -2.57 6.04 -13.19
CA SER C 67 -3.69 6.32 -12.32
C SER C 67 -3.28 7.00 -11.04
N PHE C 68 -4.13 7.88 -10.55
CA PHE C 68 -3.83 8.54 -9.30
C PHE C 68 -5.08 8.75 -8.49
N ASP C 69 -4.95 8.63 -7.17
CA ASP C 69 -6.06 8.84 -6.25
C ASP C 69 -5.52 9.67 -5.11
N THR C 70 -6.29 10.68 -4.73
CA THR C 70 -5.87 11.56 -3.66
C THR C 70 -7.11 11.94 -2.90
N ILE C 71 -6.98 12.04 -1.58
CA ILE C 71 -8.12 12.42 -0.74
C ILE C 71 -7.61 13.65 -0.02
N ILE C 72 -8.51 14.62 0.16
CA ILE C 72 -8.15 15.88 0.78
C ILE C 72 -9.16 16.26 1.81
N ASN C 73 -8.68 16.81 2.91
CA ASN C 73 -9.57 17.26 3.95
C ASN C 73 -9.16 18.70 4.06
N PHE C 74 -10.14 19.57 3.84
CA PHE C 74 -9.91 21.00 3.90
C PHE C 74 -11.11 21.61 4.55
N GLU C 75 -10.91 22.83 5.04
CA GLU C 75 -11.94 23.57 5.74
C GLU C 75 -11.98 24.99 5.22
N ILE C 76 -13.14 25.42 4.74
CA ILE C 76 -13.27 26.79 4.29
C ILE C 76 -14.22 27.40 5.30
N SER C 77 -13.70 28.38 6.03
CA SER C 77 -14.46 29.04 7.07
C SER C 77 -14.17 30.53 7.05
N THR C 78 -15.06 31.29 7.68
CA THR C 78 -14.95 32.74 7.78
C THR C 78 -15.66 33.15 9.05
N PRO C 79 -15.01 34.01 9.86
CA PRO C 79 -15.60 34.48 11.11
C PRO C 79 -16.60 35.60 10.80
N TYR C 80 -16.27 36.35 9.74
CA TYR C 80 -17.09 37.46 9.29
C TYR C 80 -18.46 37.01 8.78
N THR C 81 -19.26 37.98 8.35
CA THR C 81 -20.61 37.73 7.83
C THR C 81 -20.75 38.15 6.37
N SER C 82 -19.67 38.66 5.79
CA SER C 82 -19.67 39.09 4.41
C SER C 82 -19.61 37.85 3.51
N ARG C 83 -19.55 38.05 2.20
CA ARG C 83 -19.47 36.93 1.28
C ARG C 83 -18.06 36.34 1.40
N ILE C 84 -17.93 35.04 1.16
CA ILE C 84 -16.62 34.40 1.25
C ILE C 84 -16.00 34.20 -0.12
N ALA C 85 -14.70 34.41 -0.18
CA ALA C 85 -13.92 34.25 -1.42
C ALA C 85 -12.55 33.74 -0.98
N ASP C 86 -11.85 33.04 -1.88
CA ASP C 86 -12.33 32.80 -3.23
C ASP C 86 -12.51 31.34 -3.59
N GLY C 87 -11.40 30.61 -3.55
CA GLY C 87 -11.40 29.21 -3.92
C GLY C 87 -10.32 28.33 -3.34
N LEU C 88 -10.55 27.03 -3.39
CA LEU C 88 -9.56 26.04 -2.96
C LEU C 88 -9.45 25.08 -4.13
N ALA C 89 -8.22 24.73 -4.48
CA ALA C 89 -8.00 23.87 -5.62
C ALA C 89 -6.92 22.83 -5.47
N PHE C 90 -7.09 21.73 -6.19
CA PHE C 90 -6.11 20.65 -6.21
C PHE C 90 -5.72 20.73 -7.68
N PHE C 91 -4.42 20.83 -7.92
CA PHE C 91 -3.92 20.99 -9.27
C PHE C 91 -2.69 20.19 -9.59
N ILE C 92 -2.52 19.90 -10.88
CA ILE C 92 -1.35 19.17 -11.32
C ILE C 92 -0.84 20.06 -12.45
N ALA C 93 0.42 20.47 -12.32
CA ALA C 93 1.09 21.38 -13.25
C ALA C 93 2.56 21.04 -13.43
N PRO C 94 3.16 21.46 -14.55
CA PRO C 94 4.58 21.17 -14.77
C PRO C 94 5.37 21.55 -13.52
N PRO C 95 6.37 20.74 -13.14
CA PRO C 95 7.23 20.93 -11.96
C PRO C 95 7.70 22.35 -11.59
N ASP C 96 8.04 23.16 -12.59
CA ASP C 96 8.51 24.52 -12.32
C ASP C 96 7.40 25.56 -12.20
N SER C 97 6.15 25.09 -12.19
CA SER C 97 5.01 25.98 -12.09
C SER C 97 5.13 26.92 -10.91
N VAL C 98 4.73 28.17 -11.14
CA VAL C 98 4.77 29.20 -10.10
C VAL C 98 3.39 29.84 -9.91
N ILE C 99 3.14 30.29 -8.68
CA ILE C 99 1.87 30.89 -8.32
C ILE C 99 1.46 32.04 -9.25
N SER C 100 0.17 32.12 -9.53
CA SER C 100 -0.36 33.15 -10.42
C SER C 100 -1.24 34.14 -9.65
N TYR C 101 -2.03 34.93 -10.36
CA TYR C 101 -2.90 35.93 -9.73
C TYR C 101 -3.92 35.32 -8.77
N HIS C 102 -4.33 36.11 -7.79
CA HIS C 102 -5.29 35.66 -6.80
C HIS C 102 -6.72 35.88 -7.26
N GLY C 103 -7.59 36.17 -6.30
CA GLY C 103 -8.99 36.39 -6.62
C GLY C 103 -9.64 35.11 -7.11
N GLY C 104 -10.57 35.25 -8.04
CA GLY C 104 -11.26 34.08 -8.58
C GLY C 104 -10.36 33.30 -9.50
N PHE C 105 -9.07 33.61 -9.43
CA PHE C 105 -8.09 32.92 -10.26
C PHE C 105 -7.44 31.73 -9.52
N LEU C 106 -7.54 31.74 -8.20
CA LEU C 106 -7.01 30.65 -7.39
C LEU C 106 -5.51 30.44 -7.60
N GLY C 107 -4.79 31.55 -7.77
CA GLY C 107 -3.34 31.45 -7.97
C GLY C 107 -2.97 30.41 -9.00
N LEU C 108 -3.90 30.10 -9.91
CA LEU C 108 -3.67 29.10 -10.94
C LEU C 108 -3.48 29.68 -12.34
N PHE C 109 -4.25 30.71 -12.68
CA PHE C 109 -4.13 31.32 -14.00
C PHE C 109 -3.96 32.82 -13.91
N PRO C 110 -3.30 33.41 -14.91
CA PRO C 110 -3.02 34.85 -15.02
C PRO C 110 -4.18 35.68 -15.59
N ASN C 111 -4.82 35.16 -16.63
CA ASN C 111 -5.93 35.87 -17.26
C ASN C 111 -7.24 35.09 -17.13
N ALA C 112 -8.07 35.13 -18.16
CA ALA C 112 -9.34 34.41 -18.13
C ALA C 112 -9.69 33.79 -19.48
N ASN C 113 -8.66 33.38 -20.23
CA ASN C 113 -8.88 32.77 -21.53
C ASN C 113 -9.40 31.34 -21.40
N ALA D 1 1.22 10.57 11.09
CA ALA D 1 1.67 11.95 10.75
C ALA D 1 2.19 12.06 9.30
N GLN D 2 3.03 11.11 8.91
CA GLN D 2 3.61 11.07 7.58
C GLN D 2 3.92 9.69 7.08
N SER D 3 3.82 9.51 5.78
CA SER D 3 4.12 8.25 5.13
C SER D 3 4.67 8.52 3.73
N LEU D 4 5.71 7.80 3.33
CA LEU D 4 6.25 7.97 1.99
C LEU D 4 6.58 6.62 1.40
N SER D 5 6.15 6.37 0.18
CA SER D 5 6.45 5.11 -0.45
C SER D 5 6.64 5.31 -1.95
N PHE D 6 7.75 4.78 -2.48
CA PHE D 6 8.04 4.90 -3.90
C PHE D 6 8.65 3.64 -4.50
N SER D 7 8.36 3.41 -5.76
CA SER D 7 8.88 2.24 -6.42
C SER D 7 9.43 2.53 -7.81
N PHE D 8 10.56 1.91 -8.13
CA PHE D 8 11.21 2.04 -9.44
C PHE D 8 11.37 0.63 -10.00
N THR D 9 11.08 0.40 -11.29
CA THR D 9 11.27 -0.94 -11.85
C THR D 9 12.04 -0.85 -13.15
N LYS D 10 12.28 0.37 -13.57
CA LYS D 10 13.03 0.66 -14.78
C LYS D 10 13.59 2.03 -14.47
N PHE D 11 14.66 2.42 -15.12
CA PHE D 11 15.19 3.74 -14.86
C PHE D 11 15.23 4.54 -16.14
N ASP D 12 14.29 5.48 -16.23
CA ASP D 12 14.18 6.32 -17.39
C ASP D 12 15.42 7.20 -17.47
N PRO D 13 15.82 7.57 -18.69
CA PRO D 13 17.01 8.40 -18.96
C PRO D 13 16.93 9.75 -18.25
N ASN D 14 15.75 10.35 -18.31
CA ASN D 14 15.51 11.63 -17.67
C ASN D 14 14.69 11.36 -16.41
N GLN D 15 15.36 10.97 -15.33
CA GLN D 15 14.68 10.65 -14.09
C GLN D 15 14.57 11.88 -13.20
N GLU D 16 13.65 12.76 -13.58
CA GLU D 16 13.40 14.01 -12.86
C GLU D 16 13.21 13.86 -11.36
N ASP D 17 12.86 12.66 -10.92
CA ASP D 17 12.62 12.42 -9.50
C ASP D 17 13.74 11.73 -8.74
N LEU D 18 14.97 11.93 -9.21
CA LEU D 18 16.16 11.37 -8.60
C LEU D 18 17.20 12.46 -8.66
N ILE D 19 18.17 12.42 -7.77
CA ILE D 19 19.21 13.42 -7.82
C ILE D 19 20.45 12.63 -8.18
N PHE D 20 21.26 13.23 -9.05
CA PHE D 20 22.43 12.55 -9.54
C PHE D 20 23.69 13.25 -9.11
N GLN D 21 24.63 12.44 -8.63
CA GLN D 21 25.91 12.93 -8.15
C GLN D 21 27.01 12.00 -8.68
N GLY D 22 28.07 12.59 -9.21
CA GLY D 22 29.15 11.79 -9.73
C GLY D 22 28.90 11.23 -11.12
N HIS D 23 29.52 10.10 -11.40
CA HIS D 23 29.41 9.46 -12.70
C HIS D 23 28.15 8.61 -12.83
N ALA D 24 27.28 8.72 -11.82
CA ALA D 24 26.04 7.98 -11.84
C ALA D 24 25.19 8.45 -13.00
N THR D 25 24.57 7.50 -13.70
CA THR D 25 23.71 7.83 -14.83
C THR D 25 22.73 6.68 -15.03
N SER D 26 22.05 6.68 -16.17
CA SER D 26 21.09 5.62 -16.47
C SER D 26 20.92 5.44 -17.96
N THR D 27 20.92 4.18 -18.40
CA THR D 27 20.74 3.84 -19.80
C THR D 27 20.22 2.42 -19.86
N ASN D 28 19.57 2.07 -20.96
CA ASN D 28 19.03 0.74 -21.12
C ASN D 28 18.18 0.33 -19.94
N ASN D 29 17.54 1.33 -19.32
CA ASN D 29 16.64 1.13 -18.20
C ASN D 29 17.26 0.72 -16.86
N VAL D 30 18.57 0.82 -16.74
CA VAL D 30 19.21 0.49 -15.47
C VAL D 30 20.01 1.67 -14.95
N LEU D 31 20.40 1.57 -13.68
CA LEU D 31 21.14 2.63 -13.03
C LEU D 31 22.64 2.31 -13.03
N GLN D 32 23.42 3.16 -13.70
CA GLN D 32 24.87 2.94 -13.74
C GLN D 32 25.52 3.95 -12.80
N VAL D 33 25.58 3.58 -11.53
CA VAL D 33 26.15 4.43 -10.51
C VAL D 33 27.65 4.63 -10.66
N THR D 34 28.27 3.89 -11.57
CA THR D 34 29.71 4.01 -11.82
C THR D 34 30.01 4.25 -13.31
N LYS D 35 30.92 5.18 -13.59
CA LYS D 35 31.29 5.51 -14.98
C LYS D 35 31.51 4.30 -15.85
N LEU D 36 31.37 4.47 -17.16
CA LEU D 36 31.56 3.35 -18.07
C LEU D 36 32.31 3.64 -19.36
N ASP D 37 33.07 2.64 -19.76
CA ASP D 37 33.87 2.66 -20.97
C ASP D 37 32.89 2.71 -22.13
N SER D 38 33.16 3.57 -23.10
CA SER D 38 32.27 3.70 -24.26
C SER D 38 32.01 2.36 -24.96
N ALA D 39 32.60 1.30 -24.42
CA ALA D 39 32.41 -0.04 -24.97
C ALA D 39 31.56 -0.84 -23.99
N GLY D 40 31.34 -0.25 -22.82
CA GLY D 40 30.53 -0.91 -21.80
C GLY D 40 31.35 -1.62 -20.74
N ASN D 41 32.57 -1.14 -20.52
CA ASN D 41 33.44 -1.74 -19.53
C ASN D 41 33.67 -0.77 -18.37
N PRO D 42 33.78 -1.31 -17.15
CA PRO D 42 34.00 -0.47 -15.97
C PRO D 42 35.31 0.30 -15.99
N VAL D 43 35.28 1.50 -15.43
CA VAL D 43 36.46 2.35 -15.38
C VAL D 43 36.95 2.46 -13.95
N SER D 44 38.11 3.09 -13.76
CA SER D 44 38.72 3.25 -12.46
C SER D 44 38.49 4.64 -11.87
N SER D 45 38.57 4.71 -10.54
CA SER D 45 38.41 5.97 -9.82
C SER D 45 37.07 6.65 -10.07
N SER D 46 35.98 5.89 -10.00
CA SER D 46 34.64 6.44 -10.22
C SER D 46 33.75 6.40 -8.99
N ALA D 47 32.91 7.43 -8.86
CA ALA D 47 31.99 7.55 -7.74
C ALA D 47 30.64 8.06 -8.24
N GLY D 48 29.59 7.33 -7.91
CA GLY D 48 28.25 7.70 -8.33
C GLY D 48 27.22 7.53 -7.24
N ARG D 49 26.32 8.48 -7.13
CA ARG D 49 25.29 8.42 -6.12
C ARG D 49 23.95 8.89 -6.66
N VAL D 50 22.89 8.31 -6.12
CA VAL D 50 21.54 8.65 -6.52
C VAL D 50 20.74 8.86 -5.24
N LEU D 51 19.93 9.92 -5.21
CA LEU D 51 19.12 10.25 -4.06
C LEU D 51 17.66 10.49 -4.45
N TYR D 52 16.73 9.96 -3.67
CA TYR D 52 15.32 10.19 -4.01
C TYR D 52 15.02 11.65 -3.77
N SER D 53 14.43 12.28 -4.78
CA SER D 53 14.09 13.69 -4.71
C SER D 53 13.60 14.20 -3.38
N ALA D 54 12.49 13.63 -2.95
CA ALA D 54 11.87 14.07 -1.72
C ALA D 54 12.59 13.77 -0.44
N PRO D 55 12.52 14.71 0.51
CA PRO D 55 13.14 14.55 1.82
C PRO D 55 12.25 13.55 2.55
N LEU D 56 12.77 13.01 3.63
CA LEU D 56 12.02 12.02 4.38
C LEU D 56 12.13 12.30 5.88
N ARG D 57 11.01 12.31 6.57
CA ARG D 57 11.00 12.55 8.00
C ARG D 57 11.39 11.24 8.72
N LEU D 58 12.44 11.30 9.52
CA LEU D 58 12.90 10.11 10.22
C LEU D 58 12.43 10.13 11.66
N TRP D 59 12.29 11.33 12.21
CA TRP D 59 11.88 11.45 13.60
C TRP D 59 11.26 12.80 13.92
N GLU D 60 10.60 12.86 15.07
CA GLU D 60 9.92 14.07 15.51
C GLU D 60 9.67 14.01 17.02
N ASP D 61 9.83 15.15 17.68
CA ASP D 61 9.66 15.25 19.12
C ASP D 61 8.57 14.34 19.67
N SER D 62 7.32 14.64 19.39
CA SER D 62 6.25 13.81 19.92
C SER D 62 5.90 12.70 18.93
N ALA D 63 6.84 11.79 18.69
CA ALA D 63 6.59 10.73 17.74
C ALA D 63 7.14 9.43 18.23
N VAL D 64 6.38 8.34 18.12
CA VAL D 64 6.96 7.10 18.61
C VAL D 64 6.76 5.81 17.84
N LEU D 65 7.41 5.75 16.69
CA LEU D 65 7.53 4.58 15.81
C LEU D 65 7.97 5.18 14.48
N THR D 66 9.01 4.65 13.90
CA THR D 66 9.40 5.13 12.61
C THR D 66 9.89 3.84 12.02
N SER D 67 9.51 3.58 10.77
CA SER D 67 9.95 2.35 10.15
C SER D 67 10.12 2.50 8.65
N PHE D 68 11.11 1.80 8.11
CA PHE D 68 11.30 1.85 6.69
C PHE D 68 11.74 0.50 6.16
N ASP D 69 11.28 0.16 4.97
CA ASP D 69 11.63 -1.09 4.30
C ASP D 69 11.93 -0.75 2.87
N THR D 70 13.03 -1.29 2.36
CA THR D 70 13.43 -1.03 1.00
C THR D 70 14.02 -2.30 0.45
N ILE D 71 13.76 -2.59 -0.82
CA ILE D 71 14.31 -3.79 -1.44
C ILE D 71 15.08 -3.23 -2.63
N ILE D 72 16.22 -3.85 -2.90
CA ILE D 72 17.10 -3.38 -3.96
C ILE D 72 17.55 -4.54 -4.80
N ASN D 73 17.62 -4.32 -6.10
CA ASN D 73 18.09 -5.34 -6.99
C ASN D 73 19.23 -4.63 -7.66
N PHE D 74 20.41 -5.21 -7.52
CA PHE D 74 21.62 -4.64 -8.08
C PHE D 74 22.44 -5.78 -8.61
N GLU D 75 23.36 -5.42 -9.50
CA GLU D 75 24.22 -6.39 -10.14
C GLU D 75 25.65 -5.88 -10.12
N ILE D 76 26.55 -6.67 -9.55
CA ILE D 76 27.96 -6.29 -9.57
C ILE D 76 28.60 -7.31 -10.46
N SER D 77 29.13 -6.82 -11.58
CA SER D 77 29.75 -7.66 -12.57
C SER D 77 31.01 -7.00 -13.11
N THR D 78 31.86 -7.81 -13.73
CA THR D 78 33.11 -7.35 -14.32
C THR D 78 33.44 -8.30 -15.45
N PRO D 79 33.79 -7.74 -16.63
CA PRO D 79 34.14 -8.56 -17.79
C PRO D 79 35.57 -9.05 -17.64
N TYR D 80 36.39 -8.23 -16.98
CA TYR D 80 37.78 -8.54 -16.75
C TYR D 80 37.97 -9.73 -15.82
N THR D 81 39.24 -10.07 -15.56
CA THR D 81 39.60 -11.18 -14.69
C THR D 81 40.37 -10.73 -13.45
N SER D 82 40.60 -9.43 -13.35
CA SER D 82 41.31 -8.86 -12.20
C SER D 82 40.38 -8.85 -11.00
N ARG D 83 40.84 -8.31 -9.88
CA ARG D 83 40.02 -8.25 -8.69
C ARG D 83 38.97 -7.16 -8.93
N ILE D 84 37.79 -7.31 -8.32
CA ILE D 84 36.74 -6.33 -8.49
C ILE D 84 36.66 -5.37 -7.31
N ALA D 85 36.42 -4.11 -7.63
CA ALA D 85 36.29 -3.05 -6.63
C ALA D 85 35.25 -2.08 -7.17
N ASP D 86 34.58 -1.35 -6.28
CA ASP D 86 34.85 -1.40 -4.86
C ASP D 86 33.66 -1.84 -4.01
N GLY D 87 32.62 -1.03 -4.06
CA GLY D 87 31.42 -1.29 -3.26
C GLY D 87 30.11 -0.72 -3.76
N LEU D 88 29.02 -1.27 -3.22
CA LEU D 88 27.68 -0.77 -3.53
C LEU D 88 27.05 -0.54 -2.17
N ALA D 89 26.39 0.59 -2.02
CA ALA D 89 25.81 0.94 -0.75
C ALA D 89 24.44 1.59 -0.78
N PHE D 90 23.67 1.37 0.27
CA PHE D 90 22.36 1.99 0.41
C PHE D 90 22.65 2.84 1.64
N PHE D 91 22.34 4.13 1.53
CA PHE D 91 22.62 5.06 2.61
C PHE D 91 21.54 6.07 2.87
N ILE D 92 21.53 6.57 4.10
CA ILE D 92 20.57 7.57 4.48
C ILE D 92 21.46 8.64 5.11
N ALA D 93 21.35 9.85 4.57
CA ALA D 93 22.17 10.99 4.96
C ALA D 93 21.39 12.30 4.91
N PRO D 94 21.82 13.32 5.65
CA PRO D 94 21.12 14.61 5.63
C PRO D 94 20.89 15.02 4.17
N PRO D 95 19.71 15.59 3.86
CA PRO D 95 19.32 16.04 2.51
C PRO D 95 20.35 16.72 1.61
N ASP D 96 21.20 17.57 2.17
CA ASP D 96 22.20 18.28 1.38
C ASP D 96 23.51 17.50 1.19
N SER D 97 23.51 16.24 1.62
CA SER D 97 24.70 15.41 1.51
C SER D 97 25.24 15.39 0.08
N VAL D 98 26.56 15.43 -0.02
CA VAL D 98 27.23 15.39 -1.32
C VAL D 98 28.25 14.26 -1.39
N ILE D 99 28.45 13.75 -2.60
CA ILE D 99 29.36 12.63 -2.84
C ILE D 99 30.76 12.86 -2.27
N SER D 100 31.36 11.80 -1.73
CA SER D 100 32.69 11.90 -1.14
C SER D 100 33.70 11.11 -1.96
N TYR D 101 34.87 10.83 -1.38
CA TYR D 101 35.93 10.10 -2.08
C TYR D 101 35.50 8.70 -2.54
N HIS D 102 36.13 8.22 -3.60
CA HIS D 102 35.83 6.91 -4.14
C HIS D 102 36.63 5.82 -3.46
N GLY D 103 36.97 4.79 -4.23
CA GLY D 103 37.73 3.69 -3.69
C GLY D 103 36.92 2.91 -2.67
N GLY D 104 37.59 2.40 -1.65
CA GLY D 104 36.90 1.64 -0.61
C GLY D 104 36.09 2.55 0.28
N PHE D 105 35.90 3.78 -0.18
CA PHE D 105 35.14 4.76 0.56
C PHE D 105 33.66 4.79 0.13
N LEU D 106 33.38 4.27 -1.06
CA LEU D 106 32.01 4.22 -1.56
C LEU D 106 31.36 5.59 -1.66
N GLY D 107 32.14 6.59 -2.01
CA GLY D 107 31.61 7.93 -2.14
C GLY D 107 30.77 8.33 -0.93
N LEU D 108 31.04 7.70 0.21
CA LEU D 108 30.29 7.98 1.43
C LEU D 108 31.08 8.76 2.48
N PHE D 109 32.35 8.44 2.63
CA PHE D 109 33.18 9.14 3.61
C PHE D 109 34.46 9.65 2.99
N PRO D 110 35.01 10.74 3.56
CA PRO D 110 36.24 11.41 3.14
C PRO D 110 37.53 10.76 3.66
N ASN D 111 37.53 10.38 4.92
CA ASN D 111 38.70 9.77 5.53
C ASN D 111 38.42 8.32 5.96
N ALA D 112 38.99 7.92 7.08
CA ALA D 112 38.79 6.56 7.58
C ALA D 112 38.65 6.51 9.11
N ASN D 113 38.10 7.58 9.69
CA ASN D 113 37.92 7.64 11.14
C ASN D 113 36.78 6.74 11.60
N SER E 1 -28.79 -16.63 -12.48
CA SER E 1 -27.34 -16.63 -12.12
C SER E 1 -26.78 -15.20 -12.03
N ASN E 2 -26.31 -14.81 -10.84
CA ASN E 2 -25.78 -13.46 -10.63
C ASN E 2 -24.26 -13.40 -10.69
N VAL E 3 -23.73 -12.47 -11.48
CA VAL E 3 -22.29 -12.31 -11.64
C VAL E 3 -21.89 -11.24 -12.63
N VAL E 4 -20.69 -10.70 -12.45
CA VAL E 4 -20.16 -9.70 -13.35
C VAL E 4 -18.81 -10.28 -13.65
N ALA E 5 -18.47 -10.38 -14.92
CA ALA E 5 -17.22 -10.97 -15.32
C ALA E 5 -16.60 -10.27 -16.51
N VAL E 6 -15.27 -10.35 -16.61
CA VAL E 6 -14.57 -9.77 -17.72
C VAL E 6 -13.99 -11.07 -18.25
N GLU E 7 -14.13 -11.24 -19.56
CA GLU E 7 -13.76 -12.48 -20.21
C GLU E 7 -12.84 -12.31 -21.39
N PHE E 8 -11.98 -13.30 -21.56
CA PHE E 8 -11.07 -13.31 -22.67
C PHE E 8 -11.59 -14.60 -23.27
N ASP E 9 -12.23 -14.43 -24.42
CA ASP E 9 -12.90 -15.49 -25.16
C ASP E 9 -12.10 -15.92 -26.36
N THR E 10 -11.82 -17.22 -26.42
CA THR E 10 -11.05 -17.77 -27.52
C THR E 10 -11.92 -18.50 -28.55
N TYR E 11 -13.03 -19.09 -28.10
CA TYR E 11 -13.93 -19.79 -29.01
C TYR E 11 -15.22 -18.98 -29.21
N LEU E 12 -15.58 -18.82 -30.48
CA LEU E 12 -16.75 -18.04 -30.87
C LEU E 12 -18.03 -18.87 -30.84
N ASN E 13 -19.07 -18.29 -30.22
CA ASN E 13 -20.35 -18.94 -30.13
C ASN E 13 -21.40 -17.91 -30.53
N PRO E 14 -21.62 -17.74 -31.85
CA PRO E 14 -22.59 -16.77 -32.38
C PRO E 14 -23.98 -16.92 -31.80
N ASP E 15 -24.34 -18.16 -31.46
CA ASP E 15 -25.65 -18.43 -30.87
C ASP E 15 -25.67 -17.88 -29.44
N TYR E 16 -24.49 -17.67 -28.89
CA TYR E 16 -24.33 -17.13 -27.54
C TYR E 16 -24.07 -15.62 -27.62
N GLY E 17 -23.92 -15.10 -28.84
CA GLY E 17 -23.69 -13.67 -29.01
C GLY E 17 -22.29 -13.27 -29.42
N ASP E 18 -21.31 -14.13 -29.11
CA ASP E 18 -19.93 -13.84 -29.45
C ASP E 18 -19.75 -13.31 -30.87
N PRO E 19 -19.10 -12.15 -31.02
CA PRO E 19 -18.88 -11.61 -32.35
C PRO E 19 -17.93 -12.57 -33.06
N ASN E 20 -17.64 -12.33 -34.33
CA ASN E 20 -16.78 -13.24 -35.07
C ASN E 20 -15.27 -12.99 -34.96
N TYR E 21 -14.73 -13.16 -33.76
CA TYR E 21 -13.30 -12.98 -33.51
C TYR E 21 -12.89 -13.04 -32.04
N ILE E 22 -11.67 -13.51 -31.79
CA ILE E 22 -11.17 -13.59 -30.42
C ILE E 22 -11.39 -12.22 -29.80
N HIS E 23 -12.13 -12.22 -28.70
CA HIS E 23 -12.53 -10.99 -28.05
C HIS E 23 -12.46 -11.04 -26.53
N ILE E 24 -12.51 -9.86 -25.92
CA ILE E 24 -12.50 -9.73 -24.46
C ILE E 24 -13.84 -9.06 -24.23
N GLY E 25 -14.57 -9.51 -23.21
CA GLY E 25 -15.88 -8.97 -22.94
C GLY E 25 -16.24 -8.67 -21.50
N ILE E 26 -17.19 -7.76 -21.32
CA ILE E 26 -17.65 -7.38 -19.99
C ILE E 26 -19.05 -7.96 -19.94
N ASP E 27 -19.34 -8.75 -18.90
CA ASP E 27 -20.63 -9.41 -18.82
C ASP E 27 -21.33 -9.11 -17.52
N VAL E 28 -22.62 -8.84 -17.64
CA VAL E 28 -23.42 -8.52 -16.48
C VAL E 28 -24.63 -9.46 -16.45
N ASN E 29 -24.55 -10.46 -15.59
CA ASN E 29 -25.62 -11.43 -15.42
C ASN E 29 -25.87 -12.35 -16.61
N SER E 30 -25.06 -12.24 -17.66
CA SER E 30 -25.26 -13.13 -18.80
C SER E 30 -24.05 -13.27 -19.69
N ILE E 31 -23.88 -14.46 -20.25
CA ILE E 31 -22.77 -14.75 -21.14
C ILE E 31 -22.89 -13.90 -22.39
N ARG E 32 -24.04 -13.25 -22.53
CA ARG E 32 -24.32 -12.37 -23.66
C ARG E 32 -23.66 -11.02 -23.32
N SER E 33 -22.40 -10.87 -23.71
CA SER E 33 -21.62 -9.66 -23.42
C SER E 33 -22.36 -8.35 -23.73
N LYS E 34 -22.26 -7.37 -22.84
CA LYS E 34 -22.90 -6.07 -23.03
C LYS E 34 -22.08 -5.25 -24.01
N VAL E 35 -20.76 -5.38 -23.91
CA VAL E 35 -19.83 -4.68 -24.79
C VAL E 35 -18.71 -5.64 -25.08
N THR E 36 -18.10 -5.49 -26.25
CA THR E 36 -17.02 -6.36 -26.63
C THR E 36 -15.95 -5.67 -27.46
N ALA E 37 -14.70 -6.12 -27.35
CA ALA E 37 -13.60 -5.55 -28.13
C ALA E 37 -12.64 -6.62 -28.63
N LYS E 38 -12.08 -6.41 -29.81
CA LYS E 38 -11.15 -7.37 -30.41
C LYS E 38 -9.85 -7.54 -29.62
N TRP E 39 -9.58 -8.78 -29.22
CA TRP E 39 -8.38 -9.09 -28.47
C TRP E 39 -7.45 -10.01 -29.28
N ASP E 40 -6.21 -9.60 -29.47
CA ASP E 40 -5.27 -10.40 -30.25
C ASP E 40 -4.52 -11.46 -29.46
N TRP E 41 -5.21 -12.54 -29.11
CA TRP E 41 -4.60 -13.65 -28.37
C TRP E 41 -3.26 -14.09 -28.95
N GLN E 42 -2.44 -14.75 -28.13
CA GLN E 42 -1.13 -15.18 -28.56
C GLN E 42 -0.67 -16.45 -27.83
N ASN E 43 -0.71 -17.58 -28.51
CA ASN E 43 -0.30 -18.86 -27.94
C ASN E 43 1.11 -18.87 -27.36
N GLY E 44 1.26 -19.45 -26.18
CA GLY E 44 2.57 -19.53 -25.57
C GLY E 44 3.05 -18.37 -24.73
N LYS E 45 2.80 -17.14 -25.18
CA LYS E 45 3.20 -15.96 -24.43
C LYS E 45 2.22 -15.76 -23.27
N ILE E 46 2.51 -14.80 -22.38
CA ILE E 46 1.67 -14.57 -21.20
C ILE E 46 1.08 -13.18 -21.27
N ALA E 47 -0.12 -13.06 -20.76
CA ALA E 47 -0.82 -11.80 -20.85
C ALA E 47 -1.06 -11.17 -19.53
N THR E 48 -1.06 -9.85 -19.56
CA THR E 48 -1.26 -9.03 -18.37
C THR E 48 -2.49 -8.21 -18.64
N ALA E 49 -3.39 -8.22 -17.66
CA ALA E 49 -4.65 -7.51 -17.76
C ALA E 49 -4.91 -6.71 -16.49
N HIS E 50 -5.43 -5.50 -16.64
CA HIS E 50 -5.73 -4.71 -15.47
C HIS E 50 -7.20 -4.42 -15.60
N ILE E 51 -7.92 -4.52 -14.49
CA ILE E 51 -9.33 -4.26 -14.51
C ILE E 51 -9.51 -3.30 -13.35
N SER E 52 -10.27 -2.24 -13.59
CA SER E 52 -10.49 -1.22 -12.60
C SER E 52 -11.93 -0.76 -12.55
N TYR E 53 -12.40 -0.46 -11.35
CA TYR E 53 -13.75 0.00 -11.15
C TYR E 53 -13.77 1.20 -10.22
N ASN E 54 -14.77 2.07 -10.41
CA ASN E 54 -14.92 3.24 -9.59
C ASN E 54 -16.42 3.59 -9.50
N SER E 55 -16.97 3.53 -8.30
CA SER E 55 -18.38 3.83 -8.10
C SER E 55 -18.77 5.25 -8.49
N VAL E 56 -17.79 6.14 -8.59
CA VAL E 56 -18.12 7.50 -8.94
C VAL E 56 -18.07 7.75 -10.43
N SER E 57 -17.03 7.29 -11.10
CA SER E 57 -16.95 7.48 -12.55
C SER E 57 -17.85 6.43 -13.18
N LYS E 58 -18.59 5.71 -12.33
CA LYS E 58 -19.50 4.66 -12.75
C LYS E 58 -18.99 3.92 -13.97
N ARG E 59 -17.69 3.65 -13.97
CA ARG E 59 -17.06 3.00 -15.11
C ARG E 59 -16.22 1.81 -14.70
N LEU E 60 -16.23 0.78 -15.54
CA LEU E 60 -15.46 -0.43 -15.27
C LEU E 60 -14.58 -0.52 -16.51
N SER E 61 -13.30 -0.71 -16.33
CA SER E 61 -12.39 -0.73 -17.47
C SER E 61 -11.37 -1.86 -17.49
N VAL E 62 -11.03 -2.28 -18.69
CA VAL E 62 -10.08 -3.36 -18.89
C VAL E 62 -9.05 -2.97 -19.93
N THR E 63 -7.82 -3.39 -19.70
CA THR E 63 -6.74 -3.17 -20.65
C THR E 63 -5.90 -4.43 -20.54
N SER E 64 -5.55 -5.01 -21.67
CA SER E 64 -4.78 -6.22 -21.66
C SER E 64 -3.71 -6.15 -22.74
N TYR E 65 -2.46 -6.36 -22.37
CA TYR E 65 -1.40 -6.33 -23.37
C TYR E 65 -0.65 -7.65 -23.38
N TYR E 66 0.36 -7.74 -24.25
CA TYR E 66 1.12 -8.97 -24.38
C TYR E 66 2.61 -8.78 -24.35
N ALA E 67 3.07 -7.67 -23.81
CA ALA E 67 4.51 -7.46 -23.73
C ALA E 67 5.08 -7.39 -25.13
N GLY E 68 5.17 -6.18 -25.66
CA GLY E 68 5.72 -6.01 -27.00
C GLY E 68 4.72 -5.56 -28.05
N SER E 69 3.46 -5.93 -27.88
CA SER E 69 2.43 -5.55 -28.84
C SER E 69 1.50 -4.48 -28.29
N LYS E 70 0.52 -4.08 -29.08
CA LYS E 70 -0.44 -3.08 -28.69
C LYS E 70 -1.47 -3.71 -27.78
N PRO E 71 -1.98 -2.96 -26.81
CA PRO E 71 -2.99 -3.45 -25.87
C PRO E 71 -4.38 -3.43 -26.45
N ALA E 72 -5.33 -3.91 -25.66
CA ALA E 72 -6.73 -3.98 -26.07
C ALA E 72 -7.50 -3.32 -24.94
N THR E 73 -8.45 -2.47 -25.27
CA THR E 73 -9.16 -1.77 -24.21
C THR E 73 -10.67 -1.81 -24.35
N LEU E 74 -11.33 -1.99 -23.22
CA LEU E 74 -12.78 -2.06 -23.18
C LEU E 74 -13.31 -1.38 -21.92
N SER E 75 -14.35 -0.56 -22.06
CA SER E 75 -14.93 0.15 -20.92
C SER E 75 -16.44 0.09 -20.99
N TYR E 76 -17.07 -0.10 -19.83
CA TYR E 76 -18.52 -0.17 -19.78
C TYR E 76 -19.00 0.57 -18.55
N ASP E 77 -20.03 1.39 -18.69
CA ASP E 77 -20.52 2.12 -17.54
C ASP E 77 -21.51 1.32 -16.71
N ILE E 78 -21.20 1.11 -15.43
CA ILE E 78 -22.11 0.40 -14.54
C ILE E 78 -22.06 1.02 -13.18
N GLU E 79 -23.02 0.62 -12.36
CA GLU E 79 -23.11 1.04 -10.99
C GLU E 79 -23.20 -0.29 -10.28
N LEU E 80 -22.09 -1.02 -10.31
CA LEU E 80 -22.00 -2.34 -9.72
C LEU E 80 -22.97 -2.71 -8.59
N HIS E 81 -23.18 -1.80 -7.64
CA HIS E 81 -24.05 -2.10 -6.51
C HIS E 81 -25.54 -2.25 -6.83
N THR E 82 -25.90 -2.21 -8.09
CA THR E 82 -27.30 -2.38 -8.48
C THR E 82 -27.42 -3.77 -9.06
N VAL E 83 -26.28 -4.28 -9.51
CA VAL E 83 -26.20 -5.60 -10.12
C VAL E 83 -25.79 -6.68 -9.13
N LEU E 84 -24.86 -6.35 -8.24
CA LEU E 84 -24.38 -7.32 -7.24
C LEU E 84 -24.78 -6.92 -5.84
N PRO E 85 -24.75 -7.88 -4.91
CA PRO E 85 -25.10 -7.64 -3.52
C PRO E 85 -24.01 -6.89 -2.79
N GLU E 86 -24.18 -6.72 -1.48
CA GLU E 86 -23.21 -5.99 -0.67
C GLU E 86 -21.96 -6.80 -0.36
N TRP E 87 -22.06 -8.11 -0.44
CA TRP E 87 -20.92 -8.95 -0.12
C TRP E 87 -20.65 -9.87 -1.28
N VAL E 88 -19.41 -9.86 -1.71
CA VAL E 88 -18.94 -10.59 -2.86
C VAL E 88 -17.61 -11.26 -2.60
N ARG E 89 -17.28 -12.20 -3.47
CA ARG E 89 -16.01 -12.90 -3.39
C ARG E 89 -15.45 -12.72 -4.80
N VAL E 90 -14.14 -12.64 -4.98
CA VAL E 90 -13.61 -12.40 -6.32
C VAL E 90 -12.82 -13.61 -6.78
N GLY E 91 -13.03 -13.94 -8.05
CA GLY E 91 -12.43 -15.13 -8.63
C GLY E 91 -12.01 -15.11 -10.08
N LEU E 92 -11.27 -16.16 -10.44
CA LEU E 92 -10.81 -16.33 -11.81
C LEU E 92 -11.46 -17.65 -12.24
N SER E 93 -11.95 -17.71 -13.47
CA SER E 93 -12.60 -18.91 -13.99
C SER E 93 -12.23 -19.20 -15.45
N ALA E 94 -12.04 -20.47 -15.75
CA ALA E 94 -11.67 -20.92 -17.08
C ALA E 94 -12.37 -22.23 -17.46
N SER E 95 -12.69 -22.41 -18.75
CA SER E 95 -13.38 -23.62 -19.17
C SER E 95 -13.07 -24.10 -20.59
N THR E 96 -13.46 -25.33 -20.87
CA THR E 96 -13.29 -25.93 -22.19
C THR E 96 -14.50 -26.81 -22.49
N GLY E 97 -14.54 -27.31 -23.72
CA GLY E 97 -15.64 -28.17 -24.13
C GLY E 97 -15.12 -29.15 -25.17
N GLN E 98 -15.80 -29.25 -26.30
CA GLN E 98 -15.35 -30.15 -27.36
C GLN E 98 -13.91 -29.80 -27.71
N ASP E 99 -13.60 -28.51 -27.66
CA ASP E 99 -12.25 -28.05 -27.94
C ASP E 99 -11.50 -27.64 -26.68
N LYS E 100 -10.18 -27.79 -26.72
CA LYS E 100 -9.34 -27.49 -25.58
C LYS E 100 -8.37 -26.32 -25.74
N GLU E 101 -7.73 -26.00 -24.62
CA GLU E 101 -6.72 -24.95 -24.50
C GLU E 101 -6.24 -25.00 -23.04
N ARG E 102 -4.99 -24.64 -22.81
CA ARG E 102 -4.48 -24.65 -21.45
C ARG E 102 -4.87 -23.33 -20.78
N ASN E 103 -5.45 -23.45 -19.59
CA ASN E 103 -5.86 -22.27 -18.82
C ASN E 103 -5.01 -22.22 -17.56
N THR E 104 -4.00 -21.35 -17.61
CA THR E 104 -3.05 -21.21 -16.52
C THR E 104 -2.94 -19.75 -16.10
N VAL E 105 -2.74 -19.57 -14.80
CA VAL E 105 -2.60 -18.27 -14.20
C VAL E 105 -1.28 -18.28 -13.49
N HIS E 106 -0.62 -17.16 -13.62
CA HIS E 106 0.69 -16.83 -13.10
C HIS E 106 0.27 -15.78 -12.10
N SER E 107 1.08 -14.81 -11.77
CA SER E 107 0.64 -13.97 -10.67
C SER E 107 -0.63 -13.17 -10.89
N TRP E 108 -1.37 -13.06 -9.77
CA TRP E 108 -2.65 -12.36 -9.67
C TRP E 108 -2.59 -11.40 -8.48
N SER E 109 -2.93 -10.14 -8.72
CA SER E 109 -2.88 -9.14 -7.67
C SER E 109 -4.17 -8.34 -7.65
N PHE E 110 -4.76 -8.20 -6.47
CA PHE E 110 -6.04 -7.50 -6.30
C PHE E 110 -6.06 -6.60 -5.07
N THR E 111 -6.63 -5.41 -5.21
CA THR E 111 -6.74 -4.50 -4.08
C THR E 111 -8.06 -3.76 -4.18
N SER E 112 -8.72 -3.58 -3.05
CA SER E 112 -10.02 -2.93 -2.99
C SER E 112 -10.22 -1.96 -1.83
N SER E 113 -10.98 -0.90 -2.07
CA SER E 113 -11.24 0.09 -1.04
C SER E 113 -12.70 0.50 -1.07
N LEU E 114 -13.26 0.76 0.10
CA LEU E 114 -14.64 1.20 0.22
C LEU E 114 -14.65 2.33 1.23
N TRP E 115 -15.42 3.39 0.95
CA TRP E 115 -15.44 4.53 1.85
C TRP E 115 -16.86 4.89 2.21
N THR E 116 -17.09 5.12 3.50
CA THR E 116 -18.42 5.45 3.98
C THR E 116 -18.56 6.86 4.51
N ASN E 117 -19.70 7.12 5.14
CA ASN E 117 -20.01 8.43 5.71
C ASN E 117 -20.77 8.32 7.03
N SER F 1 -2.15 -26.52 23.58
CA SER F 1 -2.74 -25.32 22.91
C SER F 1 -1.65 -24.47 22.24
N ASN F 2 -1.74 -24.33 20.91
CA ASN F 2 -0.76 -23.56 20.15
C ASN F 2 -1.22 -22.14 19.84
N VAL F 3 -0.37 -21.15 20.14
CA VAL F 3 -0.71 -19.75 19.88
C VAL F 3 0.36 -18.77 20.36
N VAL F 4 0.40 -17.61 19.73
CA VAL F 4 1.33 -16.57 20.11
C VAL F 4 0.39 -15.40 20.25
N ALA F 5 0.48 -14.71 21.37
CA ALA F 5 -0.41 -13.59 21.64
C ALA F 5 0.28 -12.45 22.35
N VAL F 6 -0.23 -11.24 22.15
CA VAL F 6 0.30 -10.08 22.82
C VAL F 6 -0.95 -9.74 23.60
N GLU F 7 -0.76 -9.49 24.87
CA GLU F 7 -1.86 -9.26 25.78
C GLU F 7 -1.76 -7.99 26.59
N PHE F 8 -2.92 -7.43 26.87
CA PHE F 8 -2.99 -6.23 27.68
C PHE F 8 -3.85 -6.85 28.76
N ASP F 9 -3.20 -7.01 29.92
CA ASP F 9 -3.75 -7.67 31.10
C ASP F 9 -4.15 -6.66 32.15
N THR F 10 -5.40 -6.73 32.55
CA THR F 10 -5.92 -5.82 33.57
C THR F 10 -6.04 -6.46 34.94
N TYR F 11 -6.29 -7.77 34.99
CA TYR F 11 -6.40 -8.49 36.25
C TYR F 11 -5.18 -9.37 36.48
N LEU F 12 -4.60 -9.23 37.67
CA LEU F 12 -3.39 -9.97 38.06
C LEU F 12 -3.70 -11.36 38.60
N ASN F 13 -2.97 -12.34 38.10
CA ASN F 13 -3.12 -13.71 38.53
C ASN F 13 -1.73 -14.25 38.80
N PRO F 14 -1.19 -13.98 40.00
CA PRO F 14 0.15 -14.42 40.41
C PRO F 14 0.36 -15.93 40.26
N ASP F 15 -0.71 -16.69 40.42
CA ASP F 15 -0.63 -18.13 40.28
C ASP F 15 -0.45 -18.48 38.80
N TYR F 16 -0.81 -17.52 37.94
CA TYR F 16 -0.68 -17.68 36.49
C TYR F 16 0.62 -17.02 36.02
N GLY F 17 1.31 -16.35 36.93
CA GLY F 17 2.57 -15.70 36.57
C GLY F 17 2.53 -14.18 36.49
N ASP F 18 1.34 -13.63 36.26
CA ASP F 18 1.20 -12.18 36.15
C ASP F 18 1.94 -11.42 37.24
N PRO F 19 2.80 -10.48 36.84
CA PRO F 19 3.54 -9.69 37.83
C PRO F 19 2.49 -8.86 38.57
N ASN F 20 2.90 -8.11 39.59
CA ASN F 20 1.93 -7.34 40.36
C ASN F 20 1.61 -5.93 39.82
N TYR F 21 0.99 -5.88 38.65
CA TYR F 21 0.59 -4.61 38.03
C TYR F 21 0.06 -4.75 36.60
N ILE F 22 -0.85 -3.84 36.23
CA ILE F 22 -1.43 -3.86 34.89
C ILE F 22 -0.24 -3.91 33.93
N HIS F 23 -0.24 -4.93 33.10
CA HIS F 23 0.87 -5.19 32.19
C HIS F 23 0.45 -5.63 30.80
N ILE F 24 1.40 -5.55 29.87
CA ILE F 24 1.18 -6.00 28.50
C ILE F 24 2.20 -7.11 28.38
N GLY F 25 1.81 -8.22 27.76
CA GLY F 25 2.70 -9.35 27.66
C GLY F 25 2.76 -10.07 26.31
N ILE F 26 3.88 -10.75 26.08
CA ILE F 26 4.08 -11.50 24.85
C ILE F 26 4.04 -12.94 25.32
N ASP F 27 3.18 -13.75 24.70
CA ASP F 27 3.01 -15.13 25.13
C ASP F 27 3.23 -16.10 24.02
N VAL F 28 3.95 -17.16 24.34
CA VAL F 28 4.26 -18.18 23.36
C VAL F 28 3.83 -19.54 23.92
N ASN F 29 2.69 -20.01 23.44
CA ASN F 29 2.15 -21.29 23.86
C ASN F 29 1.68 -21.38 25.30
N SER F 30 1.73 -20.28 26.03
CA SER F 30 1.25 -20.32 27.41
C SER F 30 0.92 -18.97 27.99
N ILE F 31 -0.10 -18.95 28.85
CA ILE F 31 -0.55 -17.73 29.50
C ILE F 31 0.56 -17.20 30.40
N ARG F 32 1.58 -18.02 30.58
CA ARG F 32 2.75 -17.67 31.39
C ARG F 32 3.66 -16.83 30.49
N SER F 33 3.44 -15.51 30.50
CA SER F 33 4.20 -14.59 29.66
C SER F 33 5.72 -14.80 29.70
N LYS F 34 6.36 -14.74 28.53
CA LYS F 34 7.81 -14.91 28.44
C LYS F 34 8.50 -13.63 28.89
N VAL F 35 7.90 -12.50 28.52
CA VAL F 35 8.40 -11.18 28.89
C VAL F 35 7.20 -10.32 29.19
N THR F 36 7.40 -9.35 30.08
CA THR F 36 6.31 -8.47 30.45
C THR F 36 6.76 -7.05 30.75
N ALA F 37 5.89 -6.09 30.49
CA ALA F 37 6.21 -4.69 30.75
C ALA F 37 5.01 -3.92 31.34
N LYS F 38 5.28 -2.97 32.23
CA LYS F 38 4.22 -2.19 32.86
C LYS F 38 3.42 -1.32 31.89
N TRP F 39 2.12 -1.54 31.85
CA TRP F 39 1.23 -0.77 30.99
C TRP F 39 0.26 0.08 31.81
N ASP F 40 0.25 1.39 31.57
CA ASP F 40 -0.63 2.28 32.31
C ASP F 40 -2.03 2.41 31.75
N TRP F 41 -2.86 1.38 31.96
CA TRP F 41 -4.25 1.40 31.48
C TRP F 41 -4.99 2.69 31.84
N GLN F 42 -6.06 2.98 31.11
CA GLN F 42 -6.82 4.20 31.34
C GLN F 42 -8.29 4.05 30.97
N ASN F 43 -9.14 3.93 31.98
CA ASN F 43 -10.59 3.76 31.77
C ASN F 43 -11.22 4.85 30.91
N GLY F 44 -12.07 4.45 29.97
CA GLY F 44 -12.75 5.42 29.13
C GLY F 44 -12.05 5.88 27.87
N LYS F 45 -10.75 6.13 27.96
CA LYS F 45 -9.98 6.57 26.79
C LYS F 45 -9.74 5.35 25.88
N ILE F 46 -9.17 5.58 24.70
CA ILE F 46 -8.94 4.50 23.74
C ILE F 46 -7.46 4.36 23.48
N ALA F 47 -7.04 3.12 23.26
CA ALA F 47 -5.63 2.86 23.11
C ALA F 47 -5.28 2.38 21.73
N THR F 48 -4.07 2.74 21.34
CA THR F 48 -3.54 2.40 20.04
C THR F 48 -2.30 1.58 20.31
N ALA F 49 -2.21 0.45 19.63
CA ALA F 49 -1.10 -0.47 19.79
C ALA F 49 -0.59 -0.92 18.43
N HIS F 50 0.73 -1.01 18.29
CA HIS F 50 1.29 -1.46 17.04
C HIS F 50 2.09 -2.68 17.40
N ILE F 51 1.99 -3.71 16.59
CA ILE F 51 2.74 -4.91 16.86
C ILE F 51 3.39 -5.21 15.53
N SER F 52 4.67 -5.54 15.58
CA SER F 52 5.45 -5.79 14.39
C SER F 52 6.36 -6.98 14.54
N TYR F 53 6.53 -7.72 13.45
CA TYR F 53 7.37 -8.89 13.44
C TYR F 53 8.26 -8.90 12.20
N ASN F 54 9.43 -9.50 12.33
CA ASN F 54 10.37 -9.60 11.24
C ASN F 54 11.19 -10.88 11.39
N SER F 55 11.05 -11.80 10.44
CA SER F 55 11.76 -13.06 10.48
C SER F 55 13.28 -12.90 10.49
N VAL F 56 13.77 -11.75 10.05
CA VAL F 56 15.21 -11.57 10.01
C VAL F 56 15.75 -10.98 11.29
N SER F 57 15.12 -9.93 11.80
CA SER F 57 15.59 -9.34 13.04
C SER F 57 15.11 -10.23 14.18
N LYS F 58 14.52 -11.37 13.81
CA LYS F 58 13.98 -12.34 14.76
C LYS F 58 13.41 -11.66 15.98
N ARG F 59 12.72 -10.56 15.77
CA ARG F 59 12.17 -9.79 16.86
C ARG F 59 10.69 -9.48 16.68
N LEU F 60 9.95 -9.49 17.79
CA LEU F 60 8.53 -9.20 17.76
C LEU F 60 8.43 -8.03 18.71
N SER F 61 7.76 -6.96 18.31
CA SER F 61 7.68 -5.79 19.15
C SER F 61 6.32 -5.15 19.28
N VAL F 62 6.09 -4.56 20.44
CA VAL F 62 4.82 -3.92 20.75
C VAL F 62 5.05 -2.54 21.34
N THR F 63 4.19 -1.61 20.97
CA THR F 63 4.23 -0.27 21.51
C THR F 63 2.77 0.11 21.63
N SER F 64 2.38 0.66 22.77
CA SER F 64 1.00 1.03 22.97
C SER F 64 0.94 2.37 23.69
N TYR F 65 0.23 3.32 23.13
CA TYR F 65 0.11 4.62 23.77
C TYR F 65 -1.34 4.95 24.04
N TYR F 66 -1.57 6.12 24.63
CA TYR F 66 -2.92 6.52 24.96
C TYR F 66 -3.28 7.92 24.52
N ALA F 67 -2.56 8.46 23.56
CA ALA F 67 -2.90 9.80 23.08
C ALA F 67 -2.71 10.78 24.21
N GLY F 68 -1.53 11.36 24.29
CA GLY F 68 -1.25 12.34 25.32
C GLY F 68 -0.25 11.91 26.37
N SER F 69 -0.19 10.61 26.63
CA SER F 69 0.75 10.09 27.63
C SER F 69 1.92 9.36 27.00
N LYS F 70 2.79 8.84 27.84
CA LYS F 70 3.96 8.10 27.36
C LYS F 70 3.53 6.69 26.98
N PRO F 71 4.18 6.11 25.98
CA PRO F 71 3.87 4.77 25.50
C PRO F 71 4.50 3.70 26.36
N ALA F 72 4.22 2.45 26.02
CA ALA F 72 4.74 1.30 26.74
C ALA F 72 5.35 0.40 25.68
N THR F 73 6.53 -0.12 25.93
CA THR F 73 7.17 -0.93 24.91
C THR F 73 7.70 -2.26 25.40
N LEU F 74 7.50 -3.28 24.57
CA LEU F 74 7.94 -4.62 24.90
C LEU F 74 8.45 -5.33 23.65
N SER F 75 9.59 -6.00 23.76
CA SER F 75 10.18 -6.72 22.62
C SER F 75 10.66 -8.09 23.05
N TYR F 76 10.45 -9.08 22.21
CA TYR F 76 10.88 -10.43 22.53
C TYR F 76 11.43 -11.07 21.27
N ASP F 77 12.58 -11.74 21.37
CA ASP F 77 13.15 -12.37 20.19
C ASP F 77 12.57 -13.75 19.93
N ILE F 78 11.98 -13.94 18.76
CA ILE F 78 11.45 -15.24 18.39
C ILE F 78 11.68 -15.48 16.91
N GLU F 79 11.47 -16.73 16.53
CA GLU F 79 11.56 -17.15 15.15
C GLU F 79 10.21 -17.82 14.95
N LEU F 80 9.17 -16.99 14.96
CA LEU F 80 7.80 -17.46 14.84
C LEU F 80 7.55 -18.80 14.15
N HIS F 81 8.24 -19.06 13.03
CA HIS F 81 8.01 -20.31 12.29
C HIS F 81 8.47 -21.59 12.98
N THR F 82 8.92 -21.50 14.22
CA THR F 82 9.35 -22.68 14.94
C THR F 82 8.25 -22.97 15.96
N VAL F 83 7.50 -21.92 16.27
CA VAL F 83 6.41 -22.00 17.23
C VAL F 83 5.06 -22.24 16.59
N LEU F 84 4.82 -21.60 15.44
CA LEU F 84 3.56 -21.74 14.73
C LEU F 84 3.73 -22.46 13.41
N PRO F 85 2.63 -23.00 12.87
CA PRO F 85 2.65 -23.72 11.59
C PRO F 85 2.79 -22.76 10.42
N GLU F 86 2.70 -23.30 9.21
CA GLU F 86 2.83 -22.49 8.01
C GLU F 86 1.59 -21.68 7.68
N TRP F 87 0.44 -22.09 8.21
CA TRP F 87 -0.79 -21.38 7.93
C TRP F 87 -1.45 -21.01 9.22
N VAL F 88 -1.77 -19.73 9.32
CA VAL F 88 -2.33 -19.13 10.51
C VAL F 88 -3.46 -18.20 10.17
N ARG F 89 -4.24 -17.85 11.18
CA ARG F 89 -5.34 -16.92 11.03
C ARG F 89 -5.03 -15.90 12.14
N VAL F 90 -5.39 -14.64 11.96
CA VAL F 90 -5.05 -13.66 13.00
C VAL F 90 -6.31 -13.11 13.63
N GLY F 91 -6.25 -12.96 14.94
CA GLY F 91 -7.40 -12.57 15.72
C GLY F 91 -7.21 -11.70 16.95
N LEU F 92 -8.33 -11.18 17.45
CA LEU F 92 -8.33 -10.36 18.64
C LEU F 92 -9.21 -11.16 19.62
N SER F 93 -8.80 -11.22 20.88
CA SER F 93 -9.54 -11.95 21.90
C SER F 93 -9.60 -11.21 23.23
N ALA F 94 -10.75 -11.30 23.88
CA ALA F 94 -10.98 -10.64 25.16
C ALA F 94 -11.83 -11.51 26.10
N SER F 95 -11.59 -11.42 27.41
CA SER F 95 -12.34 -12.23 28.36
C SER F 95 -12.56 -11.61 29.74
N THR F 96 -13.49 -12.21 30.49
CA THR F 96 -13.78 -11.77 31.84
C THR F 96 -14.08 -12.99 32.69
N GLY F 97 -14.24 -12.78 33.99
CA GLY F 97 -14.54 -13.87 34.91
C GLY F 97 -15.37 -13.31 36.05
N GLN F 98 -14.96 -13.59 37.29
CA GLN F 98 -15.70 -13.07 38.44
C GLN F 98 -15.80 -11.56 38.31
N ASP F 99 -14.75 -10.95 37.76
CA ASP F 99 -14.74 -9.51 37.56
C ASP F 99 -14.92 -9.13 36.10
N LYS F 100 -15.52 -7.97 35.88
CA LYS F 100 -15.80 -7.50 34.53
C LYS F 100 -15.05 -6.26 34.07
N GLU F 101 -15.22 -5.97 32.78
CA GLU F 101 -14.65 -4.81 32.10
C GLU F 101 -15.20 -4.86 30.67
N ARG F 102 -15.37 -3.70 30.04
CA ARG F 102 -15.87 -3.69 28.67
C ARG F 102 -14.70 -3.92 27.73
N ASN F 103 -14.87 -4.87 26.81
CA ASN F 103 -13.84 -5.17 25.83
C ASN F 103 -14.38 -4.80 24.46
N THR F 104 -13.94 -3.64 23.98
CA THR F 104 -14.39 -3.09 22.71
C THR F 104 -13.20 -2.74 21.83
N VAL F 105 -13.41 -2.93 20.53
CA VAL F 105 -12.41 -2.67 19.53
C VAL F 105 -13.06 -1.69 18.57
N HIS F 106 -12.23 -0.76 18.16
CA HIS F 106 -12.51 0.36 17.28
C HIS F 106 -11.65 -0.08 16.13
N SER F 107 -11.13 0.81 15.31
CA SER F 107 -10.46 0.27 14.13
C SER F 107 -9.24 -0.60 14.38
N TRP F 108 -9.15 -1.60 13.50
CA TRP F 108 -8.08 -2.61 13.48
C TRP F 108 -7.51 -2.69 12.06
N SER F 109 -6.19 -2.58 11.94
CA SER F 109 -5.56 -2.61 10.65
C SER F 109 -4.37 -3.58 10.68
N PHE F 110 -4.30 -4.46 9.69
CA PHE F 110 -3.26 -5.49 9.60
C PHE F 110 -2.72 -5.67 8.19
N THR F 111 -1.41 -5.83 8.07
CA THR F 111 -0.80 -6.05 6.77
C THR F 111 0.35 -7.01 6.94
N SER F 112 0.49 -7.94 5.99
CA SER F 112 1.52 -8.96 6.03
C SER F 112 2.20 -9.26 4.70
N SER F 113 3.48 -9.59 4.76
CA SER F 113 4.24 -9.91 3.56
C SER F 113 5.13 -11.11 3.79
N LEU F 114 5.30 -11.92 2.77
CA LEU F 114 6.14 -13.10 2.85
C LEU F 114 6.95 -13.13 1.55
N TRP F 115 8.23 -13.46 1.65
CA TRP F 115 9.08 -13.46 0.45
C TRP F 115 9.82 -14.78 0.34
N THR F 116 9.80 -15.35 -0.85
CA THR F 116 10.46 -16.62 -1.08
C THR F 116 11.67 -16.54 -2.00
N ASN F 117 12.17 -17.71 -2.39
CA ASN F 117 13.33 -17.83 -3.26
C ASN F 117 13.19 -18.98 -4.26
N SER G 1 -0.65 29.44 -19.83
CA SER G 1 -0.55 28.77 -18.50
C SER G 1 -1.08 27.32 -18.57
N ASN G 2 -0.21 26.35 -18.28
CA ASN G 2 -0.58 24.94 -18.33
C ASN G 2 -0.92 24.37 -16.95
N VAL G 3 -2.07 23.70 -16.85
CA VAL G 3 -2.50 23.11 -15.59
C VAL G 3 -3.88 22.46 -15.65
N VAL G 4 -4.10 21.49 -14.78
CA VAL G 4 -5.38 20.82 -14.70
C VAL G 4 -5.66 20.93 -13.22
N ALA G 5 -6.84 21.41 -12.89
CA ALA G 5 -7.21 21.60 -11.50
C ALA G 5 -8.66 21.27 -11.21
N VAL G 6 -8.93 20.89 -9.98
CA VAL G 6 -10.28 20.58 -9.56
C VAL G 6 -10.39 21.69 -8.53
N GLU G 7 -11.50 22.39 -8.59
CA GLU G 7 -11.70 23.56 -7.76
C GLU G 7 -13.00 23.56 -6.99
N PHE G 8 -12.94 24.15 -5.81
CA PHE G 8 -14.11 24.27 -4.98
C PHE G 8 -14.10 25.77 -4.94
N ASP G 9 -15.12 26.33 -5.60
CA ASP G 9 -15.30 27.77 -5.80
C ASP G 9 -16.37 28.32 -4.91
N THR G 10 -16.00 29.32 -4.13
CA THR G 10 -16.94 29.95 -3.21
C THR G 10 -17.48 31.28 -3.72
N TYR G 11 -16.67 32.00 -4.50
CA TYR G 11 -17.09 33.29 -5.06
C TYR G 11 -17.37 33.15 -6.55
N LEU G 12 -18.54 33.65 -6.96
CA LEU G 12 -18.98 33.59 -8.35
C LEU G 12 -18.44 34.72 -9.21
N ASN G 13 -17.92 34.38 -10.37
CA ASN G 13 -17.37 35.36 -11.29
C ASN G 13 -17.95 35.02 -12.66
N PRO G 14 -19.18 35.49 -12.95
CA PRO G 14 -19.86 35.24 -14.22
C PRO G 14 -19.05 35.64 -15.44
N ASP G 15 -18.23 36.68 -15.28
CA ASP G 15 -17.37 37.14 -16.36
C ASP G 15 -16.26 36.12 -16.59
N TYR G 16 -16.02 35.29 -15.58
CA TYR G 16 -15.01 34.24 -15.65
C TYR G 16 -15.67 32.90 -16.01
N GLY G 17 -17.00 32.90 -16.09
CA GLY G 17 -17.72 31.68 -16.44
C GLY G 17 -18.47 31.00 -15.32
N ASP G 18 -18.04 31.24 -14.08
CA ASP G 18 -18.68 30.63 -12.93
C ASP G 18 -20.20 30.69 -12.98
N PRO G 19 -20.87 29.53 -12.85
CA PRO G 19 -22.32 29.52 -12.88
C PRO G 19 -22.78 30.28 -11.63
N ASN G 20 -24.08 30.47 -11.47
CA ASN G 20 -24.56 31.22 -10.31
C ASN G 20 -24.81 30.42 -9.03
N TYR G 21 -23.73 29.87 -8.46
CA TYR G 21 -23.80 29.12 -7.21
C TYR G 21 -22.50 28.43 -6.81
N ILE G 22 -22.30 28.27 -5.51
CA ILE G 22 -21.10 27.62 -4.99
C ILE G 22 -20.98 26.30 -5.75
N HIS G 23 -19.86 26.13 -6.43
CA HIS G 23 -19.64 24.98 -7.28
C HIS G 23 -18.24 24.39 -7.18
N ILE G 24 -18.10 23.17 -7.69
CA ILE G 24 -16.82 22.48 -7.73
C ILE G 24 -16.63 22.31 -9.22
N GLY G 25 -15.41 22.54 -9.70
CA GLY G 25 -15.14 22.46 -11.13
C GLY G 25 -13.87 21.77 -11.57
N ILE G 26 -13.88 21.27 -12.80
CA ILE G 26 -12.73 20.60 -13.36
C ILE G 26 -12.24 21.57 -14.42
N ASP G 27 -10.96 21.93 -14.35
CA ASP G 27 -10.41 22.92 -15.27
C ASP G 27 -9.23 22.40 -16.03
N VAL G 28 -9.22 22.69 -17.32
CA VAL G 28 -8.14 22.26 -18.17
C VAL G 28 -7.58 23.47 -18.91
N ASN G 29 -6.44 23.95 -18.43
CA ASN G 29 -5.76 25.09 -19.03
C ASN G 29 -6.47 26.42 -18.89
N SER G 30 -7.61 26.45 -18.20
CA SER G 30 -8.29 27.73 -18.03
C SER G 30 -9.26 27.76 -16.88
N ILE G 31 -9.37 28.93 -16.25
CA ILE G 31 -10.27 29.12 -15.12
C ILE G 31 -11.70 28.95 -15.58
N ARG G 32 -11.87 28.87 -16.90
CA ARG G 32 -13.17 28.67 -17.51
C ARG G 32 -13.46 27.17 -17.44
N SER G 33 -14.08 26.74 -16.35
CA SER G 33 -14.38 25.32 -16.12
C SER G 33 -15.03 24.61 -17.31
N LYS G 34 -14.58 23.39 -17.60
CA LYS G 34 -15.13 22.62 -18.71
C LYS G 34 -16.46 22.01 -18.29
N VAL G 35 -16.54 21.61 -17.04
CA VAL G 35 -17.75 21.03 -16.46
C VAL G 35 -17.86 21.54 -15.05
N THR G 36 -19.07 21.66 -14.56
CA THR G 36 -19.28 22.15 -13.21
C THR G 36 -20.49 21.51 -12.53
N ALA G 37 -20.41 21.40 -11.21
CA ALA G 37 -21.51 20.82 -10.43
C ALA G 37 -21.74 21.58 -9.13
N LYS G 38 -23.01 21.66 -8.69
CA LYS G 38 -23.35 22.37 -7.47
C LYS G 38 -22.78 21.73 -6.21
N TRP G 39 -22.00 22.51 -5.46
CA TRP G 39 -21.40 22.04 -4.22
C TRP G 39 -21.96 22.81 -3.02
N ASP G 40 -22.50 22.08 -2.05
CA ASP G 40 -23.07 22.72 -0.86
C ASP G 40 -22.08 23.03 0.25
N TRP G 41 -21.26 24.06 0.05
CA TRP G 41 -20.27 24.46 1.05
C TRP G 41 -20.86 24.59 2.46
N GLN G 42 -20.01 24.52 3.47
CA GLN G 42 -20.46 24.58 4.85
C GLN G 42 -19.41 25.18 5.78
N ASN G 43 -19.62 26.43 6.19
CA ASN G 43 -18.69 27.13 7.07
C ASN G 43 -18.40 26.38 8.37
N GLY G 44 -17.11 26.36 8.76
CA GLY G 44 -16.75 25.70 10.00
C GLY G 44 -16.47 24.21 9.97
N LYS G 45 -17.29 23.45 9.24
CA LYS G 45 -17.10 22.01 9.15
C LYS G 45 -15.95 21.73 8.18
N ILE G 46 -15.53 20.47 8.08
CA ILE G 46 -14.40 20.11 7.22
C ILE G 46 -14.86 19.18 6.13
N ALA G 47 -14.23 19.31 4.97
CA ALA G 47 -14.67 18.55 3.83
C ALA G 47 -13.64 17.57 3.37
N THR G 48 -14.15 16.47 2.84
CA THR G 48 -13.33 15.39 2.35
C THR G 48 -13.66 15.24 0.88
N ALA G 49 -12.62 15.19 0.07
CA ALA G 49 -12.77 15.09 -1.37
C ALA G 49 -11.84 14.01 -1.92
N HIS G 50 -12.33 13.24 -2.87
CA HIS G 50 -11.50 12.22 -3.47
C HIS G 50 -11.48 12.55 -4.93
N ILE G 51 -10.31 12.46 -5.53
CA ILE G 51 -10.19 12.75 -6.94
C ILE G 51 -9.44 11.56 -7.47
N SER G 52 -9.93 11.04 -8.60
CA SER G 52 -9.35 9.86 -9.21
C SER G 52 -9.24 9.98 -10.71
N TYR G 53 -8.17 9.42 -11.24
CA TYR G 53 -7.93 9.44 -12.68
C TYR G 53 -7.51 8.06 -13.17
N ASN G 54 -7.84 7.78 -14.42
CA ASN G 54 -7.49 6.51 -15.03
C ASN G 54 -7.29 6.73 -16.53
N SER G 55 -6.07 6.50 -17.02
CA SER G 55 -5.76 6.68 -18.43
C SER G 55 -6.58 5.78 -19.35
N VAL G 56 -7.15 4.72 -18.81
CA VAL G 56 -7.91 3.82 -19.66
C VAL G 56 -9.38 4.20 -19.72
N SER G 57 -9.99 4.48 -18.58
CA SER G 57 -11.39 4.86 -18.60
C SER G 57 -11.45 6.33 -19.01
N LYS G 58 -10.29 6.86 -19.40
CA LYS G 58 -10.15 8.25 -19.81
C LYS G 58 -11.08 9.16 -19.05
N ARG G 59 -11.20 8.92 -17.76
CA ARG G 59 -12.11 9.69 -16.93
C ARG G 59 -11.44 10.23 -15.67
N LEU G 60 -11.83 11.44 -15.27
CA LEU G 60 -11.27 12.07 -14.09
C LEU G 60 -12.53 12.32 -13.26
N SER G 61 -12.50 11.94 -12.00
CA SER G 61 -13.69 12.09 -11.18
C SER G 61 -13.46 12.66 -9.79
N VAL G 62 -14.47 13.38 -9.31
CA VAL G 62 -14.41 14.02 -8.01
C VAL G 62 -15.68 13.74 -7.23
N THR G 63 -15.52 13.55 -5.93
CA THR G 63 -16.64 13.35 -5.03
C THR G 63 -16.23 14.07 -3.77
N SER G 64 -17.12 14.87 -3.22
CA SER G 64 -16.79 15.61 -2.02
C SER G 64 -17.98 15.58 -1.08
N TYR G 65 -17.77 15.17 0.16
CA TYR G 65 -18.86 15.14 1.11
C TYR G 65 -18.53 16.00 2.32
N TYR G 66 -19.45 16.05 3.26
CA TYR G 66 -19.25 16.86 4.45
C TYR G 66 -19.54 16.15 5.74
N ALA G 67 -19.51 14.83 5.73
CA ALA G 67 -19.76 14.10 6.96
C ALA G 67 -21.16 14.39 7.45
N GLY G 68 -22.11 13.55 7.06
CA GLY G 68 -23.49 13.74 7.48
C GLY G 68 -24.45 14.13 6.38
N SER G 69 -23.94 14.84 5.37
CA SER G 69 -24.79 15.28 4.28
C SER G 69 -24.53 14.49 2.99
N LYS G 70 -25.24 14.84 1.94
CA LYS G 70 -25.08 14.17 0.65
C LYS G 70 -23.85 14.73 -0.03
N PRO G 71 -23.16 13.90 -0.80
CA PRO G 71 -21.94 14.30 -1.52
C PRO G 71 -22.26 15.03 -2.81
N ALA G 72 -21.21 15.46 -3.48
CA ALA G 72 -21.32 16.19 -4.74
C ALA G 72 -20.40 15.46 -5.70
N THR G 73 -20.86 15.22 -6.91
CA THR G 73 -20.03 14.47 -7.85
C THR G 73 -19.89 15.10 -9.21
N LEU G 74 -18.67 15.05 -9.74
CA LEU G 74 -18.38 15.62 -11.03
C LEU G 74 -17.38 14.73 -11.79
N SER G 75 -17.64 14.48 -13.06
CA SER G 75 -16.76 13.64 -13.87
C SER G 75 -16.54 14.26 -15.23
N TYR G 76 -15.31 14.20 -15.73
CA TYR G 76 -15.01 14.76 -17.03
C TYR G 76 -14.06 13.82 -17.76
N ASP G 77 -14.33 13.55 -19.04
CA ASP G 77 -13.45 12.66 -19.77
C ASP G 77 -12.24 13.37 -20.35
N ILE G 78 -11.05 12.92 -19.96
CA ILE G 78 -9.82 13.50 -20.51
C ILE G 78 -8.79 12.41 -20.71
N GLU G 79 -7.75 12.77 -21.43
CA GLU G 79 -6.62 11.90 -21.67
C GLU G 79 -5.48 12.77 -21.21
N LEU G 80 -5.42 13.00 -19.91
CA LEU G 80 -4.42 13.84 -19.29
C LEU G 80 -3.09 14.05 -20.02
N HIS G 81 -2.52 12.98 -20.58
CA HIS G 81 -1.23 13.11 -21.26
C HIS G 81 -1.21 13.90 -22.56
N THR G 82 -2.33 14.50 -22.91
CA THR G 82 -2.39 15.30 -24.13
C THR G 82 -2.40 16.75 -23.69
N VAL G 83 -2.82 16.95 -22.44
CA VAL G 83 -2.91 18.26 -21.85
C VAL G 83 -1.68 18.64 -21.03
N LEU G 84 -1.14 17.67 -20.30
CA LEU G 84 0.05 17.90 -19.47
C LEU G 84 1.26 17.15 -19.99
N PRO G 85 2.46 17.59 -19.58
CA PRO G 85 3.71 16.96 -19.99
C PRO G 85 3.92 15.64 -19.28
N GLU G 86 5.08 15.04 -19.50
CA GLU G 86 5.41 13.75 -18.89
C GLU G 86 5.78 13.85 -17.42
N TRP G 87 6.21 15.03 -16.99
CA TRP G 87 6.61 15.19 -15.60
C TRP G 87 5.84 16.33 -15.01
N VAL G 88 5.23 16.03 -13.87
CA VAL G 88 4.36 16.95 -13.16
C VAL G 88 4.62 16.92 -11.68
N ARG G 89 4.12 17.94 -10.99
CA ARG G 89 4.25 18.04 -9.56
C ARG G 89 2.79 18.24 -9.12
N VAL G 90 2.39 17.76 -7.95
CA VAL G 90 0.97 17.91 -7.57
C VAL G 90 0.86 18.83 -6.37
N GLY G 91 -0.14 19.68 -6.43
CA GLY G 91 -0.34 20.70 -5.42
C GLY G 91 -1.75 21.11 -5.04
N LEU G 92 -1.83 21.87 -3.95
CA LEU G 92 -3.09 22.39 -3.46
C LEU G 92 -2.89 23.91 -3.53
N SER G 93 -3.93 24.62 -3.97
CA SER G 93 -3.86 26.08 -4.09
C SER G 93 -5.15 26.76 -3.65
N ALA G 94 -4.99 27.89 -2.96
CA ALA G 94 -6.12 28.67 -2.46
C ALA G 94 -5.89 30.17 -2.58
N SER G 95 -6.94 30.95 -2.81
CA SER G 95 -6.78 32.39 -2.96
C SER G 95 -7.96 33.26 -2.50
N THR G 96 -7.70 34.55 -2.36
CA THR G 96 -8.72 35.50 -1.97
C THR G 96 -8.48 36.81 -2.73
N GLY G 97 -9.41 37.73 -2.59
CA GLY G 97 -9.30 39.02 -3.25
C GLY G 97 -9.98 40.07 -2.38
N GLN G 98 -10.88 40.86 -2.98
CA GLN G 98 -11.60 41.87 -2.21
C GLN G 98 -12.28 41.19 -1.03
N ASP G 99 -12.74 39.97 -1.27
CA ASP G 99 -13.40 39.22 -0.22
C ASP G 99 -12.51 38.09 0.32
N LYS G 100 -12.71 37.76 1.59
CA LYS G 100 -11.91 36.74 2.25
C LYS G 100 -12.63 35.47 2.67
N GLU G 101 -11.83 34.52 3.13
CA GLU G 101 -12.27 33.20 3.63
C GLU G 101 -11.00 32.51 4.11
N ARG G 102 -11.12 31.65 5.12
CA ARG G 102 -9.95 30.93 5.60
C ARG G 102 -9.74 29.70 4.71
N ASN G 103 -8.52 29.54 4.22
CA ASN G 103 -8.18 28.40 3.39
C ASN G 103 -7.19 27.53 4.16
N THR G 104 -7.70 26.46 4.74
CA THR G 104 -6.92 25.55 5.56
C THR G 104 -7.08 24.12 5.09
N VAL G 105 -5.98 23.37 5.21
CA VAL G 105 -5.92 21.99 4.82
C VAL G 105 -5.49 21.23 6.05
N HIS G 106 -6.12 20.10 6.20
CA HIS G 106 -5.98 19.14 7.28
C HIS G 106 -5.38 18.01 6.47
N SER G 107 -5.56 16.76 6.83
CA SER G 107 -4.78 15.78 6.10
C SER G 107 -5.06 15.66 4.60
N TRP G 108 -3.96 15.40 3.90
CA TRP G 108 -3.91 15.23 2.44
C TRP G 108 -3.17 13.93 2.13
N SER G 109 -3.79 13.08 1.31
CA SER G 109 -3.20 11.80 0.97
C SER G 109 -3.26 11.59 -0.54
N PHE G 110 -2.14 11.20 -1.13
CA PHE G 110 -2.03 11.02 -2.58
C PHE G 110 -1.23 9.78 -2.95
N THR G 111 -1.69 9.05 -3.95
CA THR G 111 -0.96 7.87 -4.41
C THR G 111 -1.11 7.77 -5.91
N SER G 112 -0.02 7.40 -6.58
CA SER G 112 0.00 7.30 -8.04
C SER G 112 0.75 6.09 -8.59
N SER G 113 0.27 5.57 -9.71
CA SER G 113 0.89 4.43 -10.35
C SER G 113 0.95 4.62 -11.85
N LEU G 114 2.02 4.14 -12.45
CA LEU G 114 2.21 4.22 -13.90
C LEU G 114 2.72 2.87 -14.35
N TRP G 115 2.21 2.38 -15.48
CA TRP G 115 2.62 1.06 -15.95
C TRP G 115 3.05 1.13 -17.38
N THR G 116 4.19 0.52 -17.68
CA THR G 116 4.73 0.53 -19.03
C THR G 116 4.72 -0.83 -19.71
N ASN G 117 5.40 -0.89 -20.87
CA ASN G 117 5.49 -2.10 -21.67
C ASN G 117 6.87 -2.25 -22.31
N SER H 1 31.64 13.68 8.77
CA SER H 1 30.68 13.17 7.74
C SER H 1 29.57 12.32 8.41
N ASN H 2 28.32 12.77 8.25
CA ASN H 2 27.19 12.07 8.85
C ASN H 2 26.45 11.16 7.85
N VAL H 3 26.23 9.91 8.23
CA VAL H 3 25.54 8.95 7.38
C VAL H 3 25.45 7.55 7.96
N VAL H 4 24.44 6.81 7.53
CA VAL H 4 24.26 5.44 7.97
C VAL H 4 24.11 4.74 6.65
N ALA H 5 24.87 3.68 6.46
CA ALA H 5 24.85 2.95 5.20
C ALA H 5 24.98 1.46 5.39
N VAL H 6 24.44 0.71 4.44
CA VAL H 6 24.54 -0.73 4.48
C VAL H 6 25.33 -0.87 3.19
N GLU H 7 26.39 -1.67 3.27
CA GLU H 7 27.32 -1.82 2.17
C GLU H 7 27.58 -3.25 1.77
N PHE H 8 27.83 -3.42 0.48
CA PHE H 8 28.14 -4.71 -0.05
C PHE H 8 29.50 -4.32 -0.59
N ASP H 9 30.51 -4.88 0.07
CA ASP H 9 31.91 -4.60 -0.16
C ASP H 9 32.58 -5.72 -0.92
N THR H 10 33.19 -5.38 -2.05
CA THR H 10 33.86 -6.36 -2.88
C THR H 10 35.38 -6.32 -2.71
N TYR H 11 35.93 -5.14 -2.43
CA TYR H 11 37.38 -5.01 -2.24
C TYR H 11 37.71 -4.81 -0.75
N LEU H 12 38.67 -5.60 -0.27
CA LEU H 12 39.08 -5.57 1.12
C LEU H 12 40.14 -4.51 1.40
N ASN H 13 39.91 -3.75 2.47
CA ASN H 13 40.83 -2.70 2.87
C ASN H 13 41.04 -2.87 4.36
N PRO H 14 41.97 -3.77 4.75
CA PRO H 14 42.27 -4.04 6.17
C PRO H 14 42.64 -2.79 6.96
N ASP H 15 43.25 -1.84 6.28
CA ASP H 15 43.64 -0.59 6.92
C ASP H 15 42.38 0.22 7.22
N TYR H 16 41.30 -0.10 6.51
CA TYR H 16 40.01 0.56 6.68
C TYR H 16 39.13 -0.28 7.60
N GLY H 17 39.60 -1.46 7.97
CA GLY H 17 38.83 -2.32 8.87
C GLY H 17 38.20 -3.55 8.23
N ASP H 18 37.99 -3.49 6.92
CA ASP H 18 37.38 -4.61 6.20
C ASP H 18 37.98 -5.96 6.58
N PRO H 19 37.13 -6.91 7.00
CA PRO H 19 37.64 -8.23 7.37
C PRO H 19 38.18 -8.84 6.08
N ASN H 20 38.78 -10.03 6.17
CA ASN H 20 39.35 -10.64 4.98
C ASN H 20 38.41 -11.48 4.12
N TYR H 21 37.41 -10.84 3.53
CA TYR H 21 36.45 -11.51 2.65
C TYR H 21 35.27 -10.64 2.21
N ILE H 22 34.75 -10.92 1.01
CA ILE H 22 33.63 -10.16 0.48
C ILE H 22 32.57 -10.17 1.57
N HIS H 23 32.18 -8.97 1.99
CA HIS H 23 31.26 -8.80 3.10
C HIS H 23 30.22 -7.72 2.88
N ILE H 24 29.17 -7.76 3.72
CA ILE H 24 28.12 -6.75 3.68
C ILE H 24 28.25 -6.15 5.06
N GLY H 25 28.15 -4.83 5.14
CA GLY H 25 28.32 -4.15 6.41
C GLY H 25 27.34 -3.03 6.75
N ILE H 26 27.18 -2.78 8.04
CA ILE H 26 26.30 -1.72 8.51
C ILE H 26 27.27 -0.68 9.05
N ASP H 27 27.13 0.56 8.58
CA ASP H 27 28.06 1.61 8.97
C ASP H 27 27.35 2.80 9.56
N VAL H 28 27.91 3.30 10.65
CA VAL H 28 27.35 4.44 11.32
C VAL H 28 28.41 5.51 11.47
N ASN H 29 28.35 6.52 10.61
CA ASN H 29 29.28 7.63 10.63
C ASN H 29 30.70 7.29 10.24
N SER H 30 30.97 6.05 9.86
CA SER H 30 32.33 5.71 9.45
C SER H 30 32.42 4.46 8.60
N ILE H 31 33.37 4.48 7.67
CA ILE H 31 33.59 3.35 6.77
C ILE H 31 34.04 2.14 7.58
N ARG H 32 34.35 2.39 8.85
CA ARG H 32 34.77 1.36 9.78
C ARG H 32 33.48 0.67 10.27
N SER H 33 33.05 -0.37 9.56
CA SER H 33 31.82 -1.09 9.88
C SER H 33 31.68 -1.47 11.36
N LYS H 34 30.48 -1.30 11.91
CA LYS H 34 30.23 -1.64 13.31
C LYS H 34 30.05 -3.14 13.44
N VAL H 35 29.42 -3.73 12.43
CA VAL H 35 29.18 -5.17 12.38
C VAL H 35 29.35 -5.58 10.93
N THR H 36 29.76 -6.82 10.73
CA THR H 36 29.97 -7.31 9.39
C THR H 36 29.65 -8.79 9.23
N ALA H 37 29.20 -9.19 8.05
CA ALA H 37 28.89 -10.59 7.79
C ALA H 37 29.34 -11.02 6.39
N LYS H 38 29.76 -12.28 6.27
CA LYS H 38 30.23 -12.80 4.98
C LYS H 38 29.15 -12.87 3.91
N TRP H 39 29.42 -12.19 2.78
CA TRP H 39 28.49 -12.17 1.66
C TRP H 39 29.10 -12.87 0.44
N ASP H 40 28.39 -13.86 -0.09
CA ASP H 40 28.90 -14.59 -1.25
C ASP H 40 28.57 -13.97 -2.59
N TRP H 41 29.25 -12.89 -2.94
CA TRP H 41 29.06 -12.21 -4.22
C TRP H 41 29.03 -13.17 -5.42
N GLN H 42 28.43 -12.74 -6.52
CA GLN H 42 28.32 -13.59 -7.70
C GLN H 42 28.28 -12.77 -8.98
N ASN H 43 29.39 -12.76 -9.72
CA ASN H 43 29.50 -12.01 -10.98
C ASN H 43 28.41 -12.36 -12.00
N GLY H 44 27.85 -11.34 -12.63
CA GLY H 44 26.83 -11.57 -13.64
C GLY H 44 25.39 -11.71 -13.19
N LYS H 45 25.16 -12.42 -12.09
CA LYS H 45 23.81 -12.61 -11.57
C LYS H 45 23.38 -11.31 -10.87
N ILE H 46 22.11 -11.23 -10.45
CA ILE H 46 21.59 -10.02 -9.81
C ILE H 46 21.17 -10.33 -8.39
N ALA H 47 21.34 -9.37 -7.52
CA ALA H 47 21.07 -9.60 -6.12
C ALA H 47 19.93 -8.77 -5.62
N THR H 48 19.24 -9.35 -4.66
CA THR H 48 18.09 -8.73 -4.05
C THR H 48 18.42 -8.60 -2.57
N ALA H 49 18.19 -7.41 -2.05
CA ALA H 49 18.50 -7.10 -0.68
C ALA H 49 17.33 -6.36 -0.03
N HIS H 50 17.02 -6.71 1.22
CA HIS H 50 15.94 -6.04 1.90
C HIS H 50 16.59 -5.46 3.13
N ILE H 51 16.23 -4.22 3.44
CA ILE H 51 16.79 -3.58 4.61
C ILE H 51 15.58 -3.04 5.32
N SER H 52 15.54 -3.26 6.62
CA SER H 52 14.41 -2.85 7.44
C SER H 52 14.84 -2.22 8.74
N TYR H 53 14.08 -1.23 9.18
CA TYR H 53 14.35 -0.54 10.43
C TYR H 53 13.07 -0.37 11.23
N ASN H 54 13.22 -0.34 12.55
CA ASN H 54 12.09 -0.16 13.44
C ASN H 54 12.57 0.57 14.70
N SER H 55 12.06 1.75 14.93
CA SER H 55 12.45 2.55 16.09
C SER H 55 12.13 1.87 17.42
N VAL H 56 11.24 0.90 17.41
CA VAL H 56 10.90 0.23 18.66
C VAL H 56 11.76 -0.98 18.93
N SER H 57 11.95 -1.83 17.94
CA SER H 57 12.81 -3.00 18.15
C SER H 57 14.25 -2.53 18.06
N LYS H 58 14.42 -1.21 17.97
CA LYS H 58 15.73 -0.58 17.87
C LYS H 58 16.70 -1.43 17.08
N ARG H 59 16.22 -2.02 16.01
CA ARG H 59 17.04 -2.90 15.21
C ARG H 59 16.99 -2.56 13.72
N LEU H 60 18.13 -2.73 13.06
CA LEU H 60 18.24 -2.44 11.64
C LEU H 60 18.70 -3.77 11.08
N SER H 61 18.05 -4.26 10.04
CA SER H 61 18.41 -5.57 9.51
C SER H 61 18.52 -5.65 8.00
N VAL H 62 19.41 -6.53 7.57
CA VAL H 62 19.66 -6.74 6.14
C VAL H 62 19.66 -8.21 5.81
N THR H 63 19.14 -8.54 4.65
CA THR H 63 19.13 -9.90 4.16
C THR H 63 19.34 -9.74 2.66
N SER H 64 20.25 -10.51 2.10
CA SER H 64 20.52 -10.40 0.68
C SER H 64 20.70 -11.79 0.11
N TYR H 65 19.96 -12.11 -0.94
CA TYR H 65 20.10 -13.42 -1.55
C TYR H 65 20.46 -13.28 -3.01
N TYR H 66 20.61 -14.42 -3.69
CA TYR H 66 20.99 -14.39 -5.09
C TYR H 66 20.14 -15.27 -5.98
N ALA H 67 18.94 -15.60 -5.53
CA ALA H 67 18.07 -16.41 -6.38
C ALA H 67 18.71 -17.76 -6.60
N GLY H 68 18.38 -18.71 -5.73
CA GLY H 68 18.93 -20.06 -5.87
C GLY H 68 19.87 -20.47 -4.77
N SER H 69 20.58 -19.50 -4.18
CA SER H 69 21.54 -19.80 -3.13
C SER H 69 21.03 -19.35 -1.76
N LYS H 70 21.85 -19.57 -0.74
CA LYS H 70 21.49 -19.18 0.62
C LYS H 70 21.73 -17.69 0.78
N PRO H 71 20.90 -17.03 1.59
CA PRO H 71 21.01 -15.60 1.85
C PRO H 71 22.08 -15.27 2.85
N ALA H 72 22.28 -13.98 3.09
CA ALA H 72 23.27 -13.50 4.03
C ALA H 72 22.51 -12.54 4.94
N THR H 73 22.74 -12.62 6.23
CA THR H 73 22.00 -11.76 7.14
C THR H 73 22.84 -11.03 8.15
N LEU H 74 22.49 -9.78 8.38
CA LEU H 74 23.21 -8.93 9.31
C LEU H 74 22.23 -8.02 10.06
N SER H 75 22.40 -7.91 11.37
CA SER H 75 21.52 -7.06 12.19
C SER H 75 22.32 -6.26 13.18
N TYR H 76 21.96 -5.01 13.38
CA TYR H 76 22.66 -4.16 14.31
C TYR H 76 21.66 -3.32 15.07
N ASP H 77 21.81 -3.21 16.38
CA ASP H 77 20.86 -2.42 17.14
C ASP H 77 21.22 -0.94 17.17
N ILE H 78 20.31 -0.10 16.69
CA ILE H 78 20.53 1.34 16.72
C ILE H 78 19.24 2.05 17.02
N GLU H 79 19.37 3.32 17.32
CA GLU H 79 18.24 4.19 17.56
C GLU H 79 18.53 5.33 16.59
N LEU H 80 18.40 5.01 15.31
CA LEU H 80 18.68 5.95 14.24
C LEU H 80 18.58 7.45 14.53
N HIS H 81 17.54 7.86 15.25
CA HIS H 81 17.36 9.28 15.55
C HIS H 81 18.37 9.93 16.48
N THR H 82 19.40 9.19 16.86
CA THR H 82 20.43 9.73 17.74
C THR H 82 21.65 9.97 16.85
N VAL H 83 21.68 9.24 15.75
CA VAL H 83 22.76 9.33 14.79
C VAL H 83 22.48 10.27 13.63
N LEU H 84 21.24 10.28 13.16
CA LEU H 84 20.84 11.14 12.04
C LEU H 84 19.86 12.21 12.49
N PRO H 85 19.74 13.27 11.69
CA PRO H 85 18.84 14.39 11.98
C PRO H 85 17.39 14.00 11.72
N GLU H 86 16.49 14.96 11.85
CA GLU H 86 15.07 14.72 11.64
C GLU H 86 14.68 14.61 10.17
N TRP H 87 15.50 15.17 9.29
CA TRP H 87 15.19 15.13 7.87
C TRP H 87 16.35 14.55 7.13
N VAL H 88 16.02 13.54 6.33
CA VAL H 88 16.98 12.77 5.58
C VAL H 88 16.52 12.52 4.16
N ARG H 89 17.46 12.11 3.32
CA ARG H 89 17.17 11.78 1.95
C ARG H 89 17.76 10.37 1.82
N VAL H 90 17.18 9.51 0.99
CA VAL H 90 17.72 8.14 0.93
C VAL H 90 18.31 7.89 -0.45
N GLY H 91 19.45 7.22 -0.44
CA GLY H 91 20.21 6.99 -1.66
C GLY H 91 20.98 5.69 -1.81
N LEU H 92 21.43 5.47 -3.04
CA LEU H 92 22.24 4.31 -3.36
C LEU H 92 23.56 4.91 -3.85
N SER H 93 24.67 4.30 -3.44
CA SER H 93 26.00 4.78 -3.83
C SER H 93 26.96 3.66 -4.16
N ALA H 94 27.78 3.87 -5.18
CA ALA H 94 28.75 2.89 -5.64
C ALA H 94 30.06 3.55 -6.08
N SER H 95 31.19 2.87 -5.88
CA SER H 95 32.48 3.45 -6.24
C SER H 95 33.56 2.46 -6.68
N THR H 96 34.60 3.00 -7.29
CA THR H 96 35.75 2.19 -7.72
C THR H 96 37.01 3.00 -7.51
N GLY H 97 38.15 2.35 -7.73
CA GLY H 97 39.44 3.00 -7.57
C GLY H 97 40.42 2.40 -8.54
N GLN H 98 41.59 1.97 -8.05
CA GLN H 98 42.58 1.35 -8.92
C GLN H 98 41.92 0.17 -9.62
N ASP H 99 41.03 -0.51 -8.90
CA ASP H 99 40.33 -1.64 -9.46
C ASP H 99 38.87 -1.31 -9.79
N LYS H 100 38.33 -1.99 -10.80
CA LYS H 100 36.98 -1.74 -11.26
C LYS H 100 35.98 -2.88 -11.06
N GLU H 101 34.73 -2.55 -11.36
CA GLU H 101 33.58 -3.46 -11.28
C GLU H 101 32.38 -2.64 -11.79
N ARG H 102 31.41 -3.31 -12.41
CA ARG H 102 30.24 -2.59 -12.89
C ARG H 102 29.26 -2.44 -11.71
N ASN H 103 28.79 -1.22 -11.51
CA ASN H 103 27.83 -0.94 -10.44
C ASN H 103 26.53 -0.51 -11.10
N THR H 104 25.61 -1.46 -11.15
CA THR H 104 24.31 -1.25 -11.79
C THR H 104 23.18 -1.62 -10.85
N VAL H 105 22.09 -0.86 -10.97
CA VAL H 105 20.91 -1.05 -10.17
C VAL H 105 19.78 -1.25 -11.15
N HIS H 106 18.94 -2.18 -10.78
CA HIS H 106 17.77 -2.66 -11.48
C HIS H 106 16.73 -2.15 -10.52
N SER H 107 15.57 -2.75 -10.39
CA SER H 107 14.57 -2.08 -9.58
C SER H 107 14.92 -1.88 -8.11
N TRP H 108 14.47 -0.72 -7.63
CA TRP H 108 14.63 -0.25 -6.25
C TRP H 108 13.27 0.18 -5.70
N SER H 109 12.91 -0.35 -4.54
CA SER H 109 11.62 -0.03 -3.95
C SER H 109 11.82 0.34 -2.48
N PHE H 110 11.21 1.45 -2.07
CA PHE H 110 11.35 1.97 -0.72
C PHE H 110 10.03 2.49 -0.15
N THR H 111 9.76 2.20 1.12
CA THR H 111 8.54 2.68 1.75
C THR H 111 8.86 3.01 3.19
N SER H 112 8.30 4.11 3.69
CA SER H 112 8.55 4.59 5.04
C SER H 112 7.32 5.12 5.77
N SER H 113 7.29 4.91 7.07
CA SER H 113 6.18 5.39 7.89
C SER H 113 6.69 5.97 9.20
N LEU H 114 6.01 7.02 9.66
CA LEU H 114 6.37 7.66 10.91
C LEU H 114 5.07 7.92 11.65
N TRP H 115 5.07 7.69 12.96
CA TRP H 115 3.84 7.87 13.73
C TRP H 115 4.09 8.74 14.92
N THR H 116 3.20 9.71 15.14
CA THR H 116 3.35 10.64 16.24
C THR H 116 2.28 10.50 17.31
N ASN H 117 2.26 11.46 18.23
CA ASN H 117 1.31 11.48 19.34
C ASN H 117 0.85 12.91 19.67
CA CA I . -17.48 -18.14 -26.21
MN MN J . -18.17 -14.14 -25.15
C1 MAN K . -19.12 -27.54 -27.57
C2 MAN K . -20.00 -26.88 -26.51
C3 MAN K . -19.87 -25.36 -26.60
C4 MAN K . -18.41 -24.91 -26.57
C5 MAN K . -17.56 -25.70 -27.57
C6 MAN K . -16.08 -25.43 -27.38
O1 MAN K . -19.64 -27.30 -28.87
O2 MAN K . -19.59 -27.31 -25.22
O3 MAN K . -20.58 -24.77 -25.53
O4 MAN K . -18.33 -23.54 -26.88
O5 MAN K . -17.77 -27.11 -27.41
O6 MAN K . -15.33 -26.64 -27.39
CA CA L . -4.31 -12.18 34.00
MN MN M . -0.69 -12.08 31.90
C1 MAN N . -11.95 -15.73 38.67
C2 MAN N . -11.29 -16.70 37.69
C3 MAN N . -9.93 -16.15 37.26
C4 MAN N . -10.04 -14.71 36.74
C5 MAN N . -10.82 -13.82 37.71
C6 MAN N . -11.15 -12.48 37.10
O1 MAN N . -11.25 -15.71 39.90
O2 MAN N . -12.13 -16.87 36.55
O3 MAN N . -9.39 -16.97 36.24
O4 MAN N . -8.75 -14.16 36.56
O5 MAN N . -12.07 -14.45 38.07
O6 MAN N . -12.50 -12.11 37.32
CA CA O . -14.55 32.07 -8.95
MN MN P . -14.92 28.54 -11.17
C1 MAN Q . -12.11 41.13 -6.72
C2 MAN Q . -11.24 40.47 -7.78
C3 MAN Q . -11.89 39.18 -8.27
C4 MAN Q . -12.26 38.25 -7.11
C5 MAN Q . -13.04 39.01 -6.02
C6 MAN Q . -13.20 38.17 -4.77
O1 MAN Q . -13.31 41.63 -7.29
O2 MAN Q . -9.96 40.17 -7.23
O3 MAN Q . -11.01 38.51 -9.16
O4 MAN Q . -13.07 37.20 -7.59
O5 MAN Q . -12.35 40.21 -5.64
O6 MAN Q . -12.90 38.93 -3.59
CA CA R . 36.31 -1.77 1.15
MN MN S . 33.75 -2.31 4.42
C1 MAN T . 43.15 2.13 -4.43
C2 MAN T . 42.48 3.10 -3.44
C3 MAN T . 41.67 2.32 -2.42
C4 MAN T . 40.69 1.37 -3.10
C5 MAN T . 41.38 0.51 -4.16
C6 MAN T . 40.38 -0.27 -4.99
O1 MAN T . 44.16 1.37 -3.79
O2 MAN T . 41.64 4.00 -4.15
O3 MAN T . 40.96 3.23 -1.59
O4 MAN T . 40.12 0.50 -2.12
O5 MAN T . 42.15 1.34 -5.06
O6 MAN T . 40.69 -0.17 -6.39
#